data_6JWQ
#
_entry.id   6JWQ
#
_cell.length_a   101.175
_cell.length_b   137.224
_cell.length_c   139.282
_cell.angle_alpha   90.000
_cell.angle_beta   90.000
_cell.angle_gamma   90.000
#
_symmetry.space_group_name_H-M   'P 21 21 21'
#
loop_
_entity.id
_entity.type
_entity.pdbx_description
1 polymer '7,8-dihydro-6-hydroxymethylpterin pyrophosphokinase-dihydropteroate synthase'
2 non-polymer 'MAGNESIUM ION'
3 non-polymer "ADENOSINE-5'-TRIPHOSPHATE"
4 non-polymer 'CALCIUM ION'
5 non-polymer 'ACETATE ION'
6 non-polymer 'ADENOSINE MONOPHOSPHATE'
7 water water
#
_entity_poly.entity_id   1
_entity_poly.type   'polypeptide(L)'
_entity_poly.pdbx_seq_one_letter_code
;METIQELILSEENKTNIAVLNLGTNDRRNAVLILETALHLVEKYLGKIINTSYLYETVPEYIVLDKKESCEKINKDCRIY
DVNYINELMQNLEESKYEENKELIDKCEEYETFLKNGKVDNSILKEVNVENYLLECNNIIVKNDEIMKNNLSKYKDKYYT
SYFYNLTVVVKTFVNDPLSMLVVIKYIEELMKRENVKEKEKFENRIIDIDILFFNDFTIFMKNIKLEKNMIYKILSKYIH
LERDIKNGNDNMSKVNMDKDINLNNNNNIKKKNNNDIDCDCVDQKMNNHVNNKNYINSFRDPQEIINNMVDNIEFLSIPH
VYTTHRYSILLCLNDMIPEYKHNVLNNTIRCLYNKYVSRMKEQYNINIKENNKRIYVLKDRISYLKEKTNIVGILNVNYD
SFSDGGIFVEPKRAVQRMFEMINEGASVIDIGGESSAPFVIPNPKISERDLVVPVLQLFQKEWNDIKNKIVKCDAKPIIS
IDTINYNVFKECVDNDLVDILNDISACTNNPEIIKLLKKKNKFYSVVLMHKRGNPHTMDKLTNYDNLVYDIKNYLEQRLN
FLVLNGIPRYRILFDIGLGFAKKHDQSIKLLQNIHVYDEYPLFIGYSRKRFIAHCMNDQNVVINTQQKLHDEQQNENKNI
VDKSHNWMFQMNYMRKDKDQLLYQKNICGGLAIASYSYYKKVDLIRVHDVLETKSVLDVLTKIDQVKDPNSSSVDKLAAA
LEHHHHHH
;
_entity_poly.pdbx_strand_id   A,B
#
loop_
_chem_comp.id
_chem_comp.type
_chem_comp.name
_chem_comp.formula
ACT non-polymer 'ACETATE ION' 'C2 H3 O2 -1'
AMP non-polymer 'ADENOSINE MONOPHOSPHATE' 'C10 H14 N5 O7 P'
ATP non-polymer ADENOSINE-5'-TRIPHOSPHATE 'C10 H16 N5 O13 P3'
CA non-polymer 'CALCIUM ION' 'Ca 2'
MG non-polymer 'MAGNESIUM ION' 'Mg 2'
#
# COMPACT_ATOMS: atom_id res chain seq x y z
N GLN A 5 -65.36 4.17 13.63
CA GLN A 5 -65.15 2.84 12.99
C GLN A 5 -64.95 3.00 11.49
N GLU A 6 -65.91 3.67 10.84
CA GLU A 6 -65.77 4.35 9.53
C GLU A 6 -64.88 3.72 8.44
N LEU A 7 -64.81 2.38 8.40
CA LEU A 7 -63.90 1.62 7.50
C LEU A 7 -62.38 1.88 7.74
N ILE A 8 -62.06 2.77 8.68
CA ILE A 8 -60.69 3.02 9.17
C ILE A 8 -60.28 1.93 10.18
N LEU A 9 -61.24 1.56 11.04
CA LEU A 9 -61.15 0.37 11.89
C LEU A 9 -61.97 -0.79 11.29
N SER A 10 -61.92 -0.92 9.96
CA SER A 10 -62.58 -2.02 9.26
C SER A 10 -62.03 -3.34 9.76
N GLU A 11 -62.93 -4.30 9.97
CA GLU A 11 -62.60 -5.59 10.56
C GLU A 11 -61.69 -6.48 9.67
N GLU A 12 -61.64 -6.17 8.37
CA GLU A 12 -60.82 -6.92 7.40
C GLU A 12 -59.31 -6.67 7.57
N ASN A 13 -58.56 -7.76 7.72
CA ASN A 13 -57.10 -7.69 7.78
C ASN A 13 -56.45 -7.77 6.39
N LYS A 14 -55.64 -6.76 6.08
CA LYS A 14 -54.95 -6.61 4.80
C LYS A 14 -53.44 -6.68 5.02
N THR A 15 -52.66 -6.69 3.94
CA THR A 15 -51.20 -6.70 4.02
C THR A 15 -50.57 -5.65 3.10
N ASN A 16 -50.06 -4.59 3.70
CA ASN A 16 -49.46 -3.46 2.97
C ASN A 16 -47.94 -3.43 3.14
N ILE A 17 -47.29 -2.60 2.32
CA ILE A 17 -45.84 -2.45 2.40
C ILE A 17 -45.51 -1.03 2.84
N ALA A 18 -44.78 -0.90 3.95
CA ALA A 18 -44.38 0.40 4.42
C ALA A 18 -42.89 0.49 4.49
N VAL A 19 -42.38 1.67 4.17
CA VAL A 19 -40.97 1.98 4.30
C VAL A 19 -40.79 3.02 5.39
N LEU A 20 -40.01 2.69 6.43
CA LEU A 20 -39.82 3.57 7.59
C LEU A 20 -38.42 4.16 7.66
N ASN A 21 -38.30 5.33 8.26
CA ASN A 21 -37.00 5.89 8.62
C ASN A 21 -36.88 5.92 10.14
N LEU A 22 -35.72 5.49 10.64
CA LEU A 22 -35.43 5.48 12.07
C LEU A 22 -34.18 6.32 12.33
N GLY A 23 -34.33 7.33 13.19
CA GLY A 23 -33.29 8.30 13.47
C GLY A 23 -33.11 8.52 14.96
N THR A 24 -31.87 8.82 15.35
CA THR A 24 -31.54 9.13 16.74
C THR A 24 -30.40 10.15 16.83
N ASN A 25 -30.21 10.72 18.00
CA ASN A 25 -29.15 11.70 18.24
C ASN A 25 -27.93 11.18 19.00
N ASP A 26 -28.16 10.19 19.84
CA ASP A 26 -27.15 9.71 20.79
C ASP A 26 -26.25 8.61 20.21
N ARG A 27 -24.99 8.99 19.93
CA ARG A 27 -23.97 8.08 19.38
C ARG A 27 -23.73 6.84 20.25
N ARG A 28 -23.64 7.06 21.56
CA ARG A 28 -23.31 6.00 22.52
C ARG A 28 -24.35 4.88 22.54
N ASN A 29 -25.64 5.25 22.43
CA ASN A 29 -26.71 4.25 22.46
C ASN A 29 -27.47 4.04 21.15
N ALA A 30 -27.06 4.75 20.10
CA ALA A 30 -27.62 4.59 18.75
C ALA A 30 -28.12 3.18 18.44
N VAL A 31 -27.25 2.18 18.58
CA VAL A 31 -27.58 0.79 18.28
C VAL A 31 -28.79 0.33 19.10
N LEU A 32 -28.75 0.55 20.40
CA LEU A 32 -29.82 0.15 21.32
C LEU A 32 -31.14 0.87 21.05
N ILE A 33 -31.07 2.21 20.94
CA ILE A 33 -32.23 3.05 20.60
C ILE A 33 -32.90 2.46 19.35
N LEU A 34 -32.12 2.39 18.27
CA LEU A 34 -32.61 1.95 16.98
C LEU A 34 -33.07 0.50 16.94
N GLU A 35 -32.42 -0.37 17.70
CA GLU A 35 -32.81 -1.78 17.69
C GLU A 35 -34.01 -2.07 18.58
N THR A 36 -34.21 -1.22 19.60
CA THR A 36 -35.43 -1.24 20.42
C THR A 36 -36.59 -0.77 19.52
N ALA A 37 -36.35 0.33 18.80
CA ALA A 37 -37.24 0.78 17.73
C ALA A 37 -37.55 -0.34 16.75
N LEU A 38 -36.50 -1.02 16.23
CA LEU A 38 -36.68 -2.17 15.33
C LEU A 38 -37.57 -3.27 15.91
N HIS A 39 -37.34 -3.62 17.19
CA HIS A 39 -38.09 -4.73 17.78
C HIS A 39 -39.55 -4.38 18.01
N LEU A 40 -39.81 -3.18 18.51
CA LEU A 40 -41.18 -2.69 18.68
C LEU A 40 -41.90 -2.65 17.32
N VAL A 41 -41.19 -2.22 16.27
CA VAL A 41 -41.73 -2.31 14.89
C VAL A 41 -42.11 -3.75 14.52
N GLU A 42 -41.22 -4.72 14.75
CA GLU A 42 -41.55 -6.16 14.53
C GLU A 42 -42.72 -6.62 15.38
N LYS A 43 -42.83 -6.03 16.57
CA LYS A 43 -43.82 -6.44 17.53
C LYS A 43 -45.15 -5.84 17.15
N TYR A 44 -45.15 -4.53 16.84
CA TYR A 44 -46.36 -3.77 16.73
C TYR A 44 -46.86 -3.46 15.31
N LEU A 45 -46.01 -3.62 14.28
CA LEU A 45 -46.37 -3.21 12.90
C LEU A 45 -46.46 -4.32 11.85
N GLY A 46 -45.73 -5.41 12.05
CA GLY A 46 -45.64 -6.46 11.05
C GLY A 46 -44.24 -7.01 11.00
N LYS A 47 -43.85 -7.49 9.83
CA LYS A 47 -42.58 -8.15 9.64
C LYS A 47 -41.58 -7.28 8.89
N ILE A 48 -40.40 -7.11 9.48
CA ILE A 48 -39.25 -6.48 8.82
C ILE A 48 -38.72 -7.42 7.73
N ILE A 49 -38.72 -6.94 6.48
CA ILE A 49 -38.25 -7.73 5.32
C ILE A 49 -37.10 -7.08 4.56
N ASN A 50 -36.72 -5.87 5.00
CA ASN A 50 -35.50 -5.21 4.53
C ASN A 50 -35.03 -4.15 5.52
N THR A 51 -33.72 -3.87 5.49
CA THR A 51 -33.06 -2.83 6.28
C THR A 51 -31.89 -2.27 5.47
N SER A 52 -31.60 -0.98 5.69
CA SER A 52 -30.40 -0.34 5.14
C SER A 52 -29.22 -0.62 6.07
N TYR A 53 -28.05 -0.11 5.70
CA TYR A 53 -26.98 -0.01 6.67
C TYR A 53 -27.37 1.07 7.65
N LEU A 54 -26.70 1.06 8.78
CA LEU A 54 -26.73 2.15 9.73
C LEU A 54 -25.81 3.26 9.22
N TYR A 55 -26.24 4.53 9.31
CA TYR A 55 -25.39 5.68 8.89
C TYR A 55 -25.19 6.79 9.92
N GLU A 56 -23.97 7.33 9.95
CA GLU A 56 -23.67 8.56 10.69
C GLU A 56 -23.76 9.69 9.71
N THR A 57 -24.66 10.63 9.99
CA THR A 57 -24.98 11.72 9.08
C THR A 57 -24.79 13.08 9.73
N VAL A 58 -24.19 13.99 8.97
CA VAL A 58 -24.15 15.43 9.30
C VAL A 58 -25.23 16.13 8.46
N PRO A 59 -26.07 16.98 9.11
CA PRO A 59 -27.12 17.74 8.39
C PRO A 59 -26.57 18.58 7.23
N GLU A 60 -27.42 18.83 6.24
CA GLU A 60 -27.03 19.34 4.90
C GLU A 60 -26.08 20.56 4.84
N TYR A 61 -26.29 21.54 5.73
CA TYR A 61 -25.41 22.71 5.83
C TYR A 61 -24.20 22.49 6.76
N ILE A 62 -23.01 22.42 6.14
CA ILE A 62 -21.68 22.23 6.79
C ILE A 62 -21.51 20.88 7.51
N ASP A 81 -29.52 6.69 32.55
CA ASP A 81 -29.43 7.21 31.19
C ASP A 81 -30.27 6.37 30.23
N VAL A 82 -29.84 5.13 29.98
CA VAL A 82 -30.47 4.26 28.98
C VAL A 82 -31.05 2.96 29.61
N ASN A 83 -31.02 2.87 30.93
CA ASN A 83 -31.64 1.78 31.67
C ASN A 83 -33.17 1.79 31.67
N TYR A 84 -33.76 2.96 31.39
CA TYR A 84 -35.19 3.12 31.12
C TYR A 84 -35.68 2.13 30.06
N ILE A 85 -34.92 2.03 28.96
CA ILE A 85 -35.19 1.14 27.82
C ILE A 85 -35.21 -0.33 28.22
N ASN A 86 -34.25 -0.73 29.06
CA ASN A 86 -34.13 -2.11 29.53
C ASN A 86 -35.30 -2.54 30.44
N GLU A 87 -35.77 -1.62 31.27
CA GLU A 87 -36.97 -1.83 32.11
C GLU A 87 -38.25 -1.78 31.26
N LEU A 88 -38.26 -0.91 30.25
CA LEU A 88 -39.36 -0.84 29.27
C LEU A 88 -39.68 -2.20 28.63
N MET A 89 -38.63 -2.91 28.24
CA MET A 89 -38.73 -4.17 27.46
C MET A 89 -39.33 -5.36 28.21
N GLN A 90 -39.40 -5.24 29.54
CA GLN A 90 -40.00 -6.25 30.40
C GLN A 90 -41.53 -6.11 30.40
N ASN A 91 -42.00 -4.86 30.49
CA ASN A 91 -43.41 -4.53 30.67
C ASN A 91 -44.10 -4.01 29.39
N LEU A 92 -44.04 -4.78 28.31
CA LEU A 92 -44.67 -4.39 27.05
C LEU A 92 -46.02 -5.06 26.89
N GLU A 93 -46.99 -4.26 26.48
CA GLU A 93 -48.32 -4.79 26.14
C GLU A 93 -48.21 -5.72 24.94
N GLU A 94 -48.93 -6.84 24.99
CA GLU A 94 -48.93 -7.80 23.89
C GLU A 94 -49.64 -7.19 22.67
N SER A 95 -49.15 -7.56 21.49
CA SER A 95 -49.82 -7.22 20.24
C SER A 95 -50.99 -8.16 20.05
N LYS A 96 -52.07 -7.63 19.47
CA LYS A 96 -53.21 -8.44 19.05
C LYS A 96 -52.89 -9.24 17.78
N TYR A 97 -51.79 -8.88 17.13
CA TYR A 97 -51.38 -9.58 15.91
C TYR A 97 -50.20 -10.51 16.19
N GLU A 98 -50.06 -11.51 15.34
CA GLU A 98 -49.14 -12.61 15.64
C GLU A 98 -47.76 -12.48 15.00
N GLU A 99 -46.79 -13.09 15.68
CA GLU A 99 -45.41 -13.20 15.24
C GLU A 99 -45.16 -14.55 14.58
N ASN A 100 -44.52 -14.53 13.41
CA ASN A 100 -44.13 -15.77 12.74
C ASN A 100 -42.67 -15.80 12.35
N LYS A 101 -41.91 -16.65 13.02
CA LYS A 101 -40.48 -16.72 12.83
C LYS A 101 -40.01 -17.65 11.71
N GLU A 102 -40.93 -18.41 11.08
CA GLU A 102 -40.53 -19.31 9.98
C GLU A 102 -39.82 -18.56 8.88
N LEU A 103 -38.80 -19.18 8.30
CA LEU A 103 -38.07 -18.59 7.19
C LEU A 103 -38.90 -18.47 5.94
N ILE A 104 -38.84 -17.30 5.30
CA ILE A 104 -39.44 -17.08 3.98
C ILE A 104 -38.37 -16.98 2.86
N ASP A 105 -38.74 -17.38 1.64
CA ASP A 105 -37.84 -17.38 0.45
C ASP A 105 -38.15 -16.18 -0.46
N LYS A 106 -39.33 -15.59 -0.26
CA LYS A 106 -39.90 -14.57 -1.14
C LYS A 106 -41.09 -13.92 -0.45
N CYS A 107 -41.44 -12.72 -0.90
CA CYS A 107 -42.59 -12.00 -0.37
C CYS A 107 -43.27 -11.28 -1.53
N GLU A 108 -44.43 -11.81 -1.92
CA GLU A 108 -45.16 -11.36 -3.11
C GLU A 108 -45.63 -9.91 -2.97
N GLU A 109 -46.17 -9.57 -1.80
CA GLU A 109 -46.57 -8.20 -1.48
C GLU A 109 -45.43 -7.21 -1.68
N TYR A 110 -44.23 -7.62 -1.28
CA TYR A 110 -43.03 -6.81 -1.47
C TYR A 110 -42.66 -6.70 -2.94
N GLU A 111 -42.69 -7.82 -3.67
CA GLU A 111 -42.46 -7.83 -5.12
C GLU A 111 -43.45 -6.89 -5.84
N THR A 112 -44.72 -6.97 -5.44
CA THR A 112 -45.79 -6.08 -5.89
C THR A 112 -45.47 -4.61 -5.58
N PHE A 113 -44.94 -4.31 -4.39
CA PHE A 113 -44.56 -2.93 -4.06
C PHE A 113 -43.42 -2.40 -4.93
N LEU A 114 -42.44 -3.26 -5.24
CA LEU A 114 -41.30 -2.87 -6.05
C LEU A 114 -41.65 -2.59 -7.50
N LYS A 115 -42.64 -3.30 -8.04
CA LYS A 115 -42.95 -3.29 -9.50
C LYS A 115 -43.29 -1.92 -10.19
N ASN A 116 -44.29 -1.14 -9.79
CA ASN A 116 -45.21 -1.32 -8.67
C ASN A 116 -46.62 -1.69 -9.14
N GLY A 117 -46.97 -2.97 -9.01
CA GLY A 117 -48.25 -3.53 -9.44
C GLY A 117 -49.43 -3.05 -8.63
N LYS A 118 -50.60 -3.59 -8.98
CA LYS A 118 -51.88 -3.11 -8.45
C LYS A 118 -52.17 -3.60 -7.02
N VAL A 119 -52.47 -2.66 -6.14
CA VAL A 119 -52.88 -2.97 -4.75
C VAL A 119 -54.28 -2.35 -4.52
N ASP A 120 -54.89 -2.63 -3.36
CA ASP A 120 -56.19 -2.06 -2.99
C ASP A 120 -56.18 -0.53 -2.98
N ASN A 121 -57.38 0.06 -3.11
CA ASN A 121 -57.56 1.50 -3.04
C ASN A 121 -57.24 2.02 -1.64
N SER A 122 -56.49 3.12 -1.61
CA SER A 122 -56.18 3.84 -0.38
C SER A 122 -57.47 4.24 0.33
N ILE A 123 -57.60 3.87 1.61
CA ILE A 123 -58.78 4.26 2.38
C ILE A 123 -58.70 5.74 2.75
N LEU A 124 -57.48 6.29 2.72
CA LEU A 124 -57.27 7.71 2.93
C LEU A 124 -57.32 8.43 1.58
N LYS A 125 -57.97 9.60 1.58
CA LYS A 125 -58.08 10.43 0.39
C LYS A 125 -56.71 10.80 -0.13
N GLU A 126 -56.48 10.45 -1.40
CA GLU A 126 -55.26 10.76 -2.13
C GLU A 126 -55.28 12.15 -2.78
N VAL A 127 -54.09 12.66 -3.07
CA VAL A 127 -53.90 13.88 -3.88
C VAL A 127 -53.12 13.54 -5.16
N ASN A 128 -53.26 14.36 -6.20
CA ASN A 128 -52.49 14.17 -7.44
C ASN A 128 -51.09 14.78 -7.30
N VAL A 129 -50.22 14.44 -8.25
CA VAL A 129 -48.80 14.81 -8.26
C VAL A 129 -48.61 16.31 -8.03
N GLU A 130 -49.39 17.10 -8.79
CA GLU A 130 -49.37 18.57 -8.76
C GLU A 130 -49.57 19.12 -7.34
N ASN A 131 -50.67 18.73 -6.71
CA ASN A 131 -51.03 19.22 -5.38
C ASN A 131 -50.07 18.79 -4.30
N TYR A 132 -49.57 17.56 -4.41
CA TYR A 132 -48.60 17.02 -3.47
C TYR A 132 -47.32 17.83 -3.51
N LEU A 133 -46.83 18.12 -4.72
CA LEU A 133 -45.59 18.87 -4.88
C LEU A 133 -45.70 20.28 -4.28
N LEU A 134 -46.84 20.94 -4.51
CA LEU A 134 -47.14 22.25 -3.94
C LEU A 134 -47.15 22.26 -2.42
N GLU A 135 -47.87 21.31 -1.83
CA GLU A 135 -48.00 21.20 -0.37
C GLU A 135 -46.68 20.80 0.31
N CYS A 136 -45.81 20.13 -0.43
CA CYS A 136 -44.48 19.75 0.07
C CYS A 136 -43.56 20.95 0.11
N ASN A 137 -43.43 21.63 -1.04
CA ASN A 137 -42.64 22.85 -1.14
C ASN A 137 -43.08 23.85 -0.07
N ASN A 138 -44.39 23.92 0.16
CA ASN A 138 -45.00 24.72 1.23
C ASN A 138 -44.50 24.39 2.63
N ILE A 139 -44.43 23.10 2.96
CA ILE A 139 -43.84 22.59 4.23
C ILE A 139 -42.33 22.88 4.26
N ILE A 140 -41.68 22.75 3.11
CA ILE A 140 -40.24 23.02 2.98
C ILE A 140 -39.95 24.48 3.33
N VAL A 141 -40.60 25.42 2.63
CA VAL A 141 -40.35 26.86 2.80
C VAL A 141 -40.64 27.39 4.21
N LYS A 142 -41.74 26.91 4.80
CA LYS A 142 -42.15 27.27 6.17
C LYS A 142 -41.15 26.74 7.22
N ASN A 143 -40.53 25.59 6.95
CA ASN A 143 -39.51 25.01 7.82
C ASN A 143 -38.10 25.53 7.57
N ASP A 144 -37.80 25.92 6.33
CA ASP A 144 -36.56 26.64 5.97
C ASP A 144 -36.46 28.01 6.65
N GLU A 145 -37.62 28.63 6.88
CA GLU A 145 -37.75 29.93 7.52
C GLU A 145 -37.51 29.87 9.04
N ILE A 146 -38.09 28.86 9.71
CA ILE A 146 -37.93 28.66 11.17
C ILE A 146 -36.48 28.23 11.51
N MET A 147 -35.85 27.47 10.60
CA MET A 147 -34.46 27.04 10.74
C MET A 147 -33.46 28.18 10.49
N LYS A 148 -33.88 29.19 9.73
CA LYS A 148 -33.08 30.41 9.51
C LYS A 148 -33.32 31.48 10.60
N ASN A 149 -34.50 31.43 11.21
CA ASN A 149 -34.83 32.21 12.42
C ASN A 149 -34.00 31.77 13.64
N ASN A 150 -33.55 30.51 13.61
CA ASN A 150 -32.71 29.89 14.64
C ASN A 150 -31.34 30.56 14.76
N SER A 161 -25.83 18.48 15.87
CA SER A 161 -24.63 17.67 15.67
C SER A 161 -24.95 16.43 14.82
N TYR A 162 -24.63 15.24 15.33
CA TYR A 162 -24.70 13.99 14.53
C TYR A 162 -26.04 13.26 14.60
N PHE A 163 -26.46 12.73 13.45
CA PHE A 163 -27.70 11.99 13.31
C PHE A 163 -27.35 10.53 12.97
N TYR A 164 -28.09 9.60 13.55
CA TYR A 164 -27.93 8.16 13.26
C TYR A 164 -29.21 7.59 12.67
N ASN A 165 -29.06 7.09 11.46
CA ASN A 165 -30.16 6.87 10.55
C ASN A 165 -30.19 5.42 10.13
N LEU A 166 -31.39 4.91 9.88
CA LEU A 166 -31.59 3.55 9.40
C LEU A 166 -32.98 3.46 8.80
N THR A 167 -33.09 2.85 7.62
CA THR A 167 -34.41 2.53 7.08
C THR A 167 -34.76 1.04 7.07
N VAL A 168 -36.07 0.78 7.10
CA VAL A 168 -36.63 -0.55 7.10
C VAL A 168 -37.82 -0.66 6.16
N VAL A 169 -38.01 -1.85 5.60
CA VAL A 169 -39.27 -2.21 4.94
C VAL A 169 -40.05 -3.13 5.88
N VAL A 170 -41.31 -2.78 6.13
CA VAL A 170 -42.24 -3.59 6.93
C VAL A 170 -43.38 -4.09 6.06
N LYS A 171 -43.59 -5.40 6.07
CA LYS A 171 -44.83 -5.99 5.57
C LYS A 171 -45.82 -5.86 6.71
N THR A 172 -46.70 -4.88 6.59
CA THR A 172 -47.54 -4.45 7.71
C THR A 172 -48.97 -4.98 7.67
N PHE A 173 -49.51 -5.24 8.85
CA PHE A 173 -50.91 -5.60 9.01
C PHE A 173 -51.77 -4.34 9.33
N VAL A 174 -51.12 -3.19 9.42
CA VAL A 174 -51.82 -1.95 9.70
C VAL A 174 -52.46 -1.46 8.39
N ASN A 175 -53.75 -1.08 8.47
CA ASN A 175 -54.57 -0.82 7.28
C ASN A 175 -54.22 0.40 6.45
N ASP A 176 -53.73 1.46 7.12
CA ASP A 176 -53.48 2.74 6.46
C ASP A 176 -52.36 3.52 7.17
N PRO A 177 -51.71 4.46 6.45
CA PRO A 177 -50.60 5.23 7.03
C PRO A 177 -50.93 6.07 8.28
N LEU A 178 -52.17 6.57 8.38
CA LEU A 178 -52.55 7.35 9.57
C LEU A 178 -52.59 6.46 10.82
N SER A 179 -53.28 5.32 10.71
CA SER A 179 -53.26 4.30 11.76
C SER A 179 -51.80 3.95 12.10
N MET A 180 -50.99 3.69 11.06
CA MET A 180 -49.59 3.37 11.27
C MET A 180 -48.85 4.47 12.03
N LEU A 181 -49.08 5.73 11.64
CA LEU A 181 -48.50 6.88 12.32
C LEU A 181 -48.95 6.98 13.79
N VAL A 182 -50.16 6.52 14.08
CA VAL A 182 -50.67 6.50 15.46
C VAL A 182 -49.84 5.51 16.31
N VAL A 183 -49.71 4.29 15.83
CA VAL A 183 -48.89 3.27 16.49
C VAL A 183 -47.41 3.67 16.60
N ILE A 184 -46.86 4.25 15.53
CA ILE A 184 -45.50 4.81 15.55
C ILE A 184 -45.30 5.80 16.72
N LYS A 185 -46.27 6.69 16.90
CA LYS A 185 -46.17 7.74 17.93
C LYS A 185 -46.31 7.20 19.35
N TYR A 186 -47.05 6.11 19.51
CA TYR A 186 -47.09 5.31 20.75
C TYR A 186 -45.71 4.75 21.11
N ILE A 187 -45.11 4.01 20.16
CA ILE A 187 -43.73 3.50 20.23
C ILE A 187 -42.75 4.61 20.66
N GLU A 188 -42.82 5.75 19.98
CA GLU A 188 -41.98 6.90 20.32
C GLU A 188 -42.17 7.36 21.78
N GLU A 189 -43.42 7.36 22.24
CA GLU A 189 -43.74 7.79 23.61
C GLU A 189 -43.32 6.76 24.66
N LEU A 190 -43.49 5.47 24.34
CA LEU A 190 -42.99 4.36 25.16
C LEU A 190 -41.50 4.49 25.44
N MET A 191 -40.74 4.91 24.43
CA MET A 191 -39.29 5.01 24.50
C MET A 191 -38.79 6.27 25.19
N LYS A 192 -39.68 7.25 25.38
CA LYS A 192 -39.32 8.57 25.97
C LYS A 192 -39.11 8.55 27.49
N ARG A 205 -36.32 13.67 21.48
CA ARG A 205 -35.00 13.66 20.83
C ARG A 205 -34.36 12.25 20.72
N ILE A 206 -34.88 11.34 21.54
CA ILE A 206 -34.36 9.97 21.65
C ILE A 206 -34.53 9.13 20.36
N ILE A 207 -35.75 9.10 19.82
CA ILE A 207 -36.07 8.29 18.64
C ILE A 207 -37.07 9.03 17.77
N ASP A 208 -36.84 8.97 16.47
CA ASP A 208 -37.73 9.59 15.52
C ASP A 208 -38.00 8.63 14.36
N ILE A 209 -39.25 8.16 14.28
CA ILE A 209 -39.69 7.21 13.27
C ILE A 209 -40.65 7.87 12.29
N ASP A 210 -40.34 7.79 10.99
CA ASP A 210 -41.21 8.36 9.93
C ASP A 210 -41.61 7.36 8.88
N ILE A 211 -42.83 7.52 8.37
CA ILE A 211 -43.26 6.74 7.23
C ILE A 211 -42.73 7.37 5.94
N LEU A 212 -41.81 6.68 5.28
CA LEU A 212 -41.34 7.16 3.98
C LEU A 212 -42.32 6.80 2.89
N PHE A 213 -42.69 5.53 2.78
CA PHE A 213 -43.73 5.12 1.81
C PHE A 213 -44.76 4.23 2.47
N PHE A 214 -45.90 4.09 1.82
CA PHE A 214 -46.93 3.15 2.23
C PHE A 214 -47.64 2.76 0.95
N ASN A 215 -47.29 1.59 0.40
CA ASN A 215 -47.70 1.17 -0.95
C ASN A 215 -47.40 2.25 -2.00
N ASP A 216 -48.27 2.41 -2.99
CA ASP A 216 -48.06 3.38 -4.08
C ASP A 216 -48.71 4.74 -3.82
N PHE A 217 -49.31 4.89 -2.63
CA PHE A 217 -50.18 6.02 -2.30
C PHE A 217 -49.47 7.38 -2.33
N THR A 218 -50.26 8.40 -2.67
CA THR A 218 -49.84 9.79 -2.56
C THR A 218 -50.89 10.48 -1.70
N ILE A 219 -50.48 10.98 -0.53
CA ILE A 219 -51.40 11.50 0.47
C ILE A 219 -50.84 12.79 1.06
N PHE A 220 -51.67 13.84 1.07
CA PHE A 220 -51.40 15.04 1.87
C PHE A 220 -52.63 15.57 2.63
N MET A 221 -52.79 15.10 3.88
CA MET A 221 -53.86 15.57 4.75
C MET A 221 -53.31 16.71 5.59
N LYS A 222 -53.98 17.87 5.52
CA LYS A 222 -53.42 19.13 6.01
C LYS A 222 -53.62 19.42 7.51
N ASN A 223 -54.82 19.15 8.00
CA ASN A 223 -55.19 19.49 9.37
C ASN A 223 -55.79 18.26 10.01
N ILE A 224 -54.99 17.60 10.82
CA ILE A 224 -55.45 16.43 11.54
C ILE A 224 -55.73 16.85 12.96
N LYS A 225 -56.97 16.64 13.34
CA LYS A 225 -57.42 16.75 14.72
C LYS A 225 -57.99 15.36 14.97
N LEU A 226 -57.47 14.71 16.02
CA LEU A 226 -57.93 13.39 16.38
C LEU A 226 -58.37 13.33 17.83
N GLU A 227 -59.58 12.80 18.04
CA GLU A 227 -60.18 12.63 19.36
C GLU A 227 -59.32 11.71 20.22
N LYS A 228 -59.21 12.03 21.52
CA LYS A 228 -58.49 11.19 22.50
C LYS A 228 -58.88 9.71 22.39
N ASN A 229 -60.19 9.46 22.26
CA ASN A 229 -60.75 8.11 22.22
C ASN A 229 -60.61 7.39 20.87
N MET A 230 -60.38 8.15 19.80
CA MET A 230 -60.08 7.56 18.49
C MET A 230 -58.66 6.99 18.46
N ILE A 231 -57.76 7.69 19.16
CA ILE A 231 -56.38 7.24 19.36
C ILE A 231 -56.37 5.93 20.16
N TYR A 232 -57.05 5.92 21.30
CA TYR A 232 -57.28 4.71 22.07
C TYR A 232 -57.84 3.59 21.19
N LYS A 233 -58.79 3.92 20.32
CA LYS A 233 -59.48 2.90 19.53
C LYS A 233 -58.62 2.28 18.43
N ILE A 234 -57.74 3.09 17.82
CA ILE A 234 -56.77 2.59 16.83
C ILE A 234 -55.76 1.68 17.53
N LEU A 235 -55.15 2.19 18.60
CA LEU A 235 -54.16 1.42 19.38
C LEU A 235 -54.73 0.11 19.87
N SER A 236 -55.98 0.14 20.35
CA SER A 236 -56.71 -1.06 20.74
C SER A 236 -56.99 -2.05 19.61
N LYS A 237 -56.96 -1.62 18.34
CA LYS A 237 -57.10 -2.57 17.21
C LYS A 237 -55.86 -3.45 17.03
N TYR A 238 -54.70 -2.91 17.42
CA TYR A 238 -53.41 -3.55 17.16
C TYR A 238 -52.66 -4.04 18.41
N ILE A 239 -52.99 -3.46 19.56
CA ILE A 239 -52.28 -3.71 20.81
C ILE A 239 -53.28 -4.01 21.94
N HIS A 240 -53.03 -5.10 22.67
CA HIS A 240 -53.78 -5.43 23.90
C HIS A 240 -53.43 -4.43 25.02
N LEU A 241 -54.18 -3.33 25.10
CA LEU A 241 -53.89 -2.25 26.06
C LEU A 241 -54.24 -2.58 27.52
N GLU A 242 -53.65 -1.80 28.44
CA GLU A 242 -53.63 -2.00 29.92
C GLU A 242 -52.44 -2.85 30.36
N ARG A 300 -47.58 0.50 30.00
CA ARG A 300 -47.96 0.85 31.36
C ARG A 300 -48.24 2.35 31.52
N ASP A 301 -49.23 2.66 32.36
CA ASP A 301 -49.82 4.02 32.53
C ASP A 301 -50.38 4.64 31.22
N PRO A 302 -51.27 3.90 30.49
CA PRO A 302 -51.60 4.20 29.08
C PRO A 302 -52.38 5.52 28.83
N GLN A 303 -53.09 5.99 29.85
CA GLN A 303 -53.99 7.17 29.73
C GLN A 303 -53.27 8.49 29.42
N GLU A 304 -52.09 8.69 30.00
CA GLU A 304 -51.38 9.97 29.88
C GLU A 304 -50.58 10.12 28.58
N ILE A 305 -50.08 9.00 28.05
CA ILE A 305 -49.36 8.99 26.77
C ILE A 305 -50.30 9.25 25.59
N ILE A 306 -51.53 8.78 25.71
CA ILE A 306 -52.61 9.07 24.74
C ILE A 306 -52.95 10.58 24.70
N ASN A 307 -52.79 11.26 25.83
CA ASN A 307 -52.89 12.73 25.89
C ASN A 307 -51.80 13.44 25.08
N ASN A 308 -50.56 12.99 25.25
CA ASN A 308 -49.40 13.51 24.51
C ASN A 308 -49.53 13.46 22.98
N MET A 309 -50.09 12.36 22.48
CA MET A 309 -50.17 12.08 21.04
C MET A 309 -51.09 12.99 20.24
N VAL A 310 -52.12 13.55 20.90
CA VAL A 310 -53.10 14.46 20.26
C VAL A 310 -52.39 15.67 19.64
N ASP A 311 -51.44 16.23 20.40
CA ASP A 311 -50.59 17.33 19.95
C ASP A 311 -49.65 16.93 18.80
N ASN A 312 -49.28 15.66 18.76
CA ASN A 312 -48.20 15.17 17.90
C ASN A 312 -48.53 15.01 16.40
N ILE A 313 -49.73 14.55 16.08
CA ILE A 313 -50.15 14.34 14.69
C ILE A 313 -50.92 15.57 14.19
N GLU A 314 -50.27 16.39 13.38
CA GLU A 314 -50.89 17.59 12.80
C GLU A 314 -51.24 17.39 11.33
N PHE A 315 -50.34 16.74 10.60
CA PHE A 315 -50.55 16.42 9.20
C PHE A 315 -49.93 15.07 8.84
N LEU A 316 -50.29 14.54 7.66
CA LEU A 316 -49.71 13.30 7.14
C LEU A 316 -49.36 13.40 5.66
N SER A 317 -48.07 13.24 5.36
CA SER A 317 -47.56 13.27 3.99
C SER A 317 -46.97 11.92 3.59
N ILE A 318 -47.53 11.32 2.54
CA ILE A 318 -46.98 10.11 1.93
C ILE A 318 -46.76 10.40 0.44
N PRO A 319 -45.53 10.36 -0.09
CA PRO A 319 -44.29 10.09 0.65
C PRO A 319 -43.96 11.20 1.62
N HIS A 320 -43.11 10.89 2.58
CA HIS A 320 -42.67 11.87 3.57
C HIS A 320 -42.09 13.10 2.86
N VAL A 321 -42.38 14.28 3.39
CA VAL A 321 -41.99 15.58 2.80
C VAL A 321 -40.54 15.57 2.31
N TYR A 322 -39.63 15.12 3.18
CA TYR A 322 -38.21 15.25 2.96
C TYR A 322 -37.51 14.04 2.29
N THR A 323 -38.29 13.04 1.89
CA THR A 323 -37.79 11.77 1.31
C THR A 323 -36.67 11.98 0.29
N THR A 324 -36.94 12.84 -0.67
CA THR A 324 -36.05 13.09 -1.78
C THR A 324 -35.09 14.27 -1.48
N HIS A 325 -35.27 14.89 -0.32
CA HIS A 325 -34.62 16.17 -0.03
C HIS A 325 -33.52 16.08 1.02
N ARG A 326 -33.51 15.00 1.80
CA ARG A 326 -32.39 14.73 2.73
C ARG A 326 -31.49 13.63 2.18
N TYR A 327 -30.18 13.87 2.19
CA TYR A 327 -29.19 12.88 1.71
C TYR A 327 -29.27 11.56 2.49
N SER A 328 -29.35 11.66 3.82
CA SER A 328 -29.38 10.51 4.71
C SER A 328 -30.56 9.58 4.46
N ILE A 329 -31.70 10.14 4.04
CA ILE A 329 -32.85 9.33 3.64
C ILE A 329 -32.55 8.58 2.34
N LEU A 330 -32.04 9.29 1.33
CA LEU A 330 -31.68 8.69 0.04
C LEU A 330 -30.56 7.65 0.15
N LEU A 331 -29.55 7.96 0.98
CA LEU A 331 -28.46 7.06 1.32
C LEU A 331 -28.98 5.69 1.77
N CYS A 332 -29.80 5.69 2.83
CA CYS A 332 -30.46 4.49 3.33
C CYS A 332 -31.30 3.75 2.29
N LEU A 333 -32.23 4.44 1.64
CA LEU A 333 -33.10 3.84 0.63
C LEU A 333 -32.32 3.20 -0.52
N ASN A 334 -31.13 3.74 -0.83
CA ASN A 334 -30.27 3.20 -1.89
C ASN A 334 -29.81 1.76 -1.60
N ASP A 335 -29.57 1.49 -0.31
CA ASP A 335 -29.23 0.16 0.15
C ASP A 335 -30.31 -0.87 -0.11
N MET A 336 -31.58 -0.45 -0.01
CA MET A 336 -32.71 -1.38 0.07
C MET A 336 -33.48 -1.49 -1.21
N ILE A 337 -33.86 -0.35 -1.77
CA ILE A 337 -34.82 -0.31 -2.88
C ILE A 337 -34.35 0.61 -4.01
N PRO A 338 -33.09 0.40 -4.50
CA PRO A 338 -32.52 1.36 -5.47
C PRO A 338 -33.31 1.51 -6.79
N GLU A 339 -34.02 0.47 -7.21
CA GLU A 339 -34.76 0.54 -8.48
C GLU A 339 -36.21 1.03 -8.32
N TYR A 340 -36.62 1.32 -7.08
CA TYR A 340 -37.99 1.75 -6.80
C TYR A 340 -38.30 3.12 -7.37
N LYS A 341 -39.44 3.24 -8.05
CA LYS A 341 -39.95 4.52 -8.59
C LYS A 341 -41.43 4.75 -8.29
N HIS A 342 -41.65 5.64 -7.33
CA HIS A 342 -42.96 6.10 -6.90
C HIS A 342 -43.45 7.15 -7.87
N ASN A 343 -44.78 7.24 -8.03
CA ASN A 343 -45.45 8.21 -8.95
C ASN A 343 -45.00 9.67 -8.82
N VAL A 344 -44.48 10.02 -7.65
CA VAL A 344 -44.23 11.40 -7.28
C VAL A 344 -42.74 11.81 -7.39
N LEU A 345 -41.93 10.94 -8.00
CA LEU A 345 -40.49 11.16 -8.05
C LEU A 345 -39.97 11.18 -9.48
N ASN A 346 -38.99 12.06 -9.72
CA ASN A 346 -38.34 12.25 -11.05
C ASN A 346 -37.88 10.95 -11.65
N ASN A 347 -37.05 10.23 -10.89
CA ASN A 347 -36.55 8.95 -11.30
C ASN A 347 -36.48 7.97 -10.13
N THR A 348 -35.75 6.87 -10.32
CA THR A 348 -35.55 5.82 -9.32
C THR A 348 -34.71 6.33 -8.15
N ILE A 349 -34.80 5.64 -7.02
CA ILE A 349 -34.02 5.96 -5.83
C ILE A 349 -32.53 6.02 -6.10
N ARG A 350 -31.99 5.01 -6.79
CA ARG A 350 -30.56 5.00 -7.13
C ARG A 350 -30.21 6.24 -7.94
N CYS A 351 -30.98 6.53 -8.98
CA CYS A 351 -30.72 7.71 -9.79
C CYS A 351 -30.82 8.99 -8.97
N LEU A 352 -31.90 9.13 -8.21
CA LEU A 352 -32.04 10.25 -7.25
C LEU A 352 -30.88 10.36 -6.25
N TYR A 353 -30.34 9.20 -5.82
CA TYR A 353 -29.15 9.14 -4.95
C TYR A 353 -27.90 9.60 -5.71
N ASN A 354 -27.67 9.03 -6.91
CA ASN A 354 -26.52 9.37 -7.76
C ASN A 354 -26.45 10.84 -8.11
N LYS A 355 -27.61 11.38 -8.51
CA LYS A 355 -27.78 12.79 -8.89
C LYS A 355 -27.57 13.74 -7.72
N TYR A 356 -27.87 13.29 -6.49
CA TYR A 356 -27.62 14.10 -5.29
C TYR A 356 -26.13 14.13 -4.95
N VAL A 357 -25.45 13.02 -5.24
CA VAL A 357 -24.02 12.86 -4.95
C VAL A 357 -23.17 13.77 -5.83
N SER A 358 -23.35 13.67 -7.15
CA SER A 358 -22.61 14.46 -8.13
C SER A 358 -22.96 15.95 -8.07
N ARG A 359 -24.21 16.26 -7.74
CA ARG A 359 -24.66 17.65 -7.55
C ARG A 359 -23.91 18.35 -6.41
N MET A 360 -23.65 17.63 -5.31
CA MET A 360 -22.81 18.15 -4.23
C MET A 360 -21.35 18.35 -4.66
N LYS A 361 -20.88 17.51 -5.59
CA LYS A 361 -19.54 17.61 -6.15
C LYS A 361 -19.44 18.77 -7.14
N GLU A 362 -20.42 18.87 -8.05
CA GLU A 362 -20.47 19.90 -9.10
C GLU A 362 -20.68 21.30 -8.54
N GLN A 363 -21.67 21.45 -7.65
CA GLN A 363 -22.13 22.77 -7.17
C GLN A 363 -21.44 23.28 -5.90
N TYR A 364 -20.65 22.46 -5.22
CA TYR A 364 -20.05 22.84 -3.92
C TYR A 364 -18.62 22.35 -3.66
N ASN A 365 -18.12 21.50 -4.57
CA ASN A 365 -16.83 20.80 -4.41
C ASN A 365 -16.62 20.19 -3.00
N ILE A 366 -17.50 19.24 -2.67
CA ILE A 366 -17.40 18.38 -1.47
C ILE A 366 -17.95 17.00 -1.77
N ASN A 367 -17.14 15.97 -1.51
CA ASN A 367 -17.57 14.57 -1.55
C ASN A 367 -18.53 14.36 -0.38
N ILE A 368 -19.83 14.22 -0.70
CA ILE A 368 -20.87 14.08 0.33
C ILE A 368 -20.64 12.82 1.19
N LYS A 369 -20.10 11.77 0.57
CA LYS A 369 -19.74 10.52 1.23
C LYS A 369 -18.83 10.65 2.46
N GLU A 370 -17.99 11.69 2.49
CA GLU A 370 -16.97 11.89 3.54
C GLU A 370 -17.52 11.97 4.97
N ASN A 371 -18.58 12.74 5.17
CA ASN A 371 -19.13 12.97 6.50
C ASN A 371 -20.40 12.17 6.78
N ASN A 372 -20.75 11.29 5.86
CA ASN A 372 -21.92 10.43 5.97
C ASN A 372 -21.56 8.95 5.91
N LYS A 373 -21.20 8.42 7.06
CA LYS A 373 -20.44 7.17 7.16
C LYS A 373 -21.29 5.91 7.29
N ARG A 374 -20.97 4.90 6.48
CA ARG A 374 -21.58 3.57 6.64
C ARG A 374 -21.12 2.92 7.94
N ILE A 375 -22.07 2.35 8.68
CA ILE A 375 -21.80 1.67 9.95
C ILE A 375 -22.17 0.16 9.88
N TYR A 376 -21.34 -0.66 10.52
CA TYR A 376 -21.68 -2.03 10.82
C TYR A 376 -21.53 -2.23 12.32
N VAL A 377 -22.15 -3.29 12.84
CA VAL A 377 -22.22 -3.52 14.27
C VAL A 377 -21.78 -4.94 14.60
N LEU A 378 -20.76 -5.06 15.43
CA LEU A 378 -20.26 -6.39 15.81
C LEU A 378 -21.01 -6.91 17.01
N LYS A 379 -21.18 -6.06 18.03
CA LYS A 379 -21.83 -6.45 19.27
C LYS A 379 -22.90 -5.40 19.59
N ASP A 380 -22.53 -4.33 20.31
CA ASP A 380 -23.49 -3.28 20.71
C ASP A 380 -23.07 -1.84 20.38
N ARG A 381 -21.89 -1.67 19.81
CA ARG A 381 -21.36 -0.37 19.49
C ARG A 381 -21.27 -0.12 17.98
N ILE A 382 -21.20 1.16 17.61
CA ILE A 382 -20.94 1.62 16.25
C ILE A 382 -19.52 1.27 15.81
N SER A 383 -19.39 0.66 14.63
CA SER A 383 -18.11 0.58 13.92
C SER A 383 -18.23 1.30 12.58
N TYR A 384 -17.26 2.16 12.27
CA TYR A 384 -17.25 2.84 10.99
C TYR A 384 -16.59 1.92 10.00
N LEU A 385 -17.33 1.61 8.94
CA LEU A 385 -16.87 0.74 7.85
C LEU A 385 -15.58 1.24 7.22
N LYS A 386 -14.64 0.31 7.07
CA LYS A 386 -13.32 0.57 6.48
C LYS A 386 -12.41 1.48 7.32
N GLU A 387 -12.77 1.76 8.57
CA GLU A 387 -11.96 2.68 9.41
C GLU A 387 -10.98 2.03 10.37
N LYS A 388 -11.10 0.72 10.61
CA LYS A 388 -10.17 -0.05 11.45
C LYS A 388 -10.06 -1.53 11.01
N THR A 389 -8.84 -2.05 10.92
CA THR A 389 -8.63 -3.49 10.79
C THR A 389 -8.56 -4.13 12.17
N ASN A 390 -9.68 -4.77 12.56
CA ASN A 390 -9.82 -5.44 13.84
C ASN A 390 -9.14 -6.80 13.80
N ILE A 391 -8.50 -7.20 14.90
CA ILE A 391 -7.89 -8.54 14.98
C ILE A 391 -8.87 -9.51 15.66
N VAL A 392 -9.01 -10.69 15.07
CA VAL A 392 -9.83 -11.74 15.64
C VAL A 392 -8.89 -12.88 16.02
N GLY A 393 -8.75 -13.11 17.31
CA GLY A 393 -7.94 -14.24 17.76
C GLY A 393 -8.65 -15.59 17.64
N ILE A 394 -7.98 -16.53 16.99
CA ILE A 394 -8.47 -17.91 16.87
C ILE A 394 -8.20 -18.73 18.15
N LEU A 395 -9.27 -19.25 18.75
CA LEU A 395 -9.19 -20.30 19.78
C LEU A 395 -9.76 -21.61 19.21
N ASN A 396 -8.88 -22.52 18.82
CA ASN A 396 -9.29 -23.86 18.41
C ASN A 396 -9.26 -24.80 19.61
N VAL A 397 -10.40 -25.40 19.93
CA VAL A 397 -10.51 -26.30 21.08
C VAL A 397 -10.41 -27.76 20.65
N ASN A 398 -9.40 -28.45 21.17
CA ASN A 398 -9.16 -29.88 20.93
C ASN A 398 -8.54 -30.61 22.14
N TYR A 399 -9.06 -31.81 22.44
CA TYR A 399 -8.51 -32.74 23.43
C TYR A 399 -9.11 -34.13 23.27
N GLU A 410 -8.54 -28.68 27.42
CA GLU A 410 -8.78 -28.44 28.84
C GLU A 410 -9.37 -27.03 29.03
N PRO A 411 -10.59 -26.94 29.61
CA PRO A 411 -11.26 -25.64 29.74
C PRO A 411 -10.40 -24.52 30.37
N LYS A 412 -9.65 -24.85 31.42
CA LYS A 412 -8.88 -23.87 32.18
C LYS A 412 -7.74 -23.24 31.36
N ARG A 413 -7.04 -24.09 30.59
CA ARG A 413 -5.97 -23.67 29.71
C ARG A 413 -6.47 -22.81 28.52
N ALA A 414 -7.58 -23.24 27.91
CA ALA A 414 -8.25 -22.51 26.82
C ALA A 414 -8.65 -21.10 27.24
N VAL A 415 -9.20 -20.96 28.44
CA VAL A 415 -9.59 -19.66 29.00
C VAL A 415 -8.35 -18.80 29.32
N GLN A 416 -7.23 -19.44 29.63
CA GLN A 416 -5.96 -18.73 29.79
C GLN A 416 -5.51 -18.15 28.45
N ARG A 417 -5.56 -18.97 27.40
CA ARG A 417 -5.30 -18.55 26.03
C ARG A 417 -6.17 -17.35 25.62
N MET A 418 -7.41 -17.31 26.08
CA MET A 418 -8.33 -16.21 25.74
C MET A 418 -7.86 -14.92 26.35
N PHE A 419 -7.41 -14.99 27.60
CA PHE A 419 -6.95 -13.82 28.36
C PHE A 419 -5.64 -13.31 27.79
N GLU A 420 -4.76 -14.24 27.44
CA GLU A 420 -3.54 -13.93 26.73
C GLU A 420 -3.84 -13.09 25.47
N MET A 421 -4.79 -13.56 24.66
CA MET A 421 -5.16 -12.91 23.40
C MET A 421 -5.76 -11.51 23.59
N ILE A 422 -6.63 -11.37 24.59
CA ILE A 422 -7.20 -10.06 24.95
C ILE A 422 -6.05 -9.08 25.22
N ASN A 423 -5.08 -9.50 26.02
CA ASN A 423 -3.93 -8.66 26.40
C ASN A 423 -2.96 -8.40 25.25
N GLU A 424 -2.87 -9.35 24.32
CA GLU A 424 -2.06 -9.19 23.14
C GLU A 424 -2.73 -8.27 22.09
N GLY A 425 -3.99 -7.88 22.32
CA GLY A 425 -4.68 -6.90 21.44
C GLY A 425 -5.83 -7.36 20.54
N ALA A 426 -6.34 -8.57 20.74
CA ALA A 426 -7.49 -9.09 19.98
C ALA A 426 -8.79 -8.40 20.41
N SER A 427 -9.50 -7.82 19.45
CA SER A 427 -10.84 -7.24 19.66
C SER A 427 -11.94 -8.31 19.74
N VAL A 428 -11.71 -9.44 19.05
CA VAL A 428 -12.72 -10.46 18.91
C VAL A 428 -11.99 -11.76 19.17
N ILE A 429 -12.64 -12.68 19.88
CA ILE A 429 -12.16 -14.06 19.97
C ILE A 429 -13.16 -14.92 19.22
N ASP A 430 -12.63 -15.79 18.36
CA ASP A 430 -13.39 -16.72 17.56
C ASP A 430 -13.05 -18.12 18.00
N ILE A 431 -14.01 -18.78 18.66
CA ILE A 431 -13.84 -20.11 19.23
C ILE A 431 -14.54 -21.16 18.35
N GLY A 432 -13.85 -22.26 18.09
CA GLY A 432 -14.41 -23.43 17.44
C GLY A 432 -13.89 -24.72 18.07
N GLY A 433 -14.73 -25.76 18.02
CA GLY A 433 -14.33 -27.14 18.31
C GLY A 433 -14.44 -27.97 17.04
N GLU A 434 -15.45 -27.64 16.24
CA GLU A 434 -15.70 -28.20 14.90
C GLU A 434 -14.80 -27.54 13.87
N SER A 435 -13.96 -28.39 13.26
CA SER A 435 -12.90 -28.01 12.35
C SER A 435 -13.18 -28.55 10.94
N LYS A 445 -13.87 -39.44 21.18
CA LYS A 445 -14.79 -38.67 20.37
C LYS A 445 -15.75 -37.85 21.26
N ILE A 446 -15.23 -36.73 21.74
CA ILE A 446 -15.99 -35.71 22.51
C ILE A 446 -16.76 -34.73 21.55
N SER A 447 -17.99 -34.36 21.91
CA SER A 447 -18.86 -33.55 21.02
C SER A 447 -18.46 -32.07 20.99
N GLU A 448 -18.74 -31.40 19.86
CA GLU A 448 -18.53 -29.95 19.70
C GLU A 448 -19.12 -29.13 20.85
N ARG A 449 -20.36 -29.44 21.25
CA ARG A 449 -20.95 -28.89 22.48
C ARG A 449 -20.01 -28.97 23.72
N ASP A 450 -19.49 -30.18 23.98
CA ASP A 450 -18.71 -30.47 25.18
C ASP A 450 -17.32 -29.83 25.12
N LEU A 451 -16.78 -29.66 23.91
CA LEU A 451 -15.56 -28.87 23.72
C LEU A 451 -15.77 -27.37 23.98
N VAL A 452 -16.76 -26.75 23.34
CA VAL A 452 -16.85 -25.28 23.33
C VAL A 452 -17.74 -24.67 24.42
N VAL A 453 -18.83 -25.33 24.79
CA VAL A 453 -19.69 -24.72 25.82
C VAL A 453 -19.01 -24.53 27.18
N PRO A 454 -18.29 -25.56 27.70
CA PRO A 454 -17.63 -25.37 29.02
C PRO A 454 -16.58 -24.24 29.01
N VAL A 455 -15.73 -24.21 27.98
CA VAL A 455 -14.76 -23.12 27.78
C VAL A 455 -15.45 -21.74 27.86
N LEU A 456 -16.50 -21.55 27.06
CA LEU A 456 -17.25 -20.31 27.03
C LEU A 456 -17.93 -19.99 28.33
N GLN A 457 -18.37 -21.01 29.06
CA GLN A 457 -18.93 -20.80 30.40
C GLN A 457 -17.87 -20.34 31.39
N LEU A 458 -16.74 -21.05 31.44
CA LEU A 458 -15.60 -20.68 32.28
C LEU A 458 -15.11 -19.26 31.98
N PHE A 459 -14.91 -18.96 30.68
CA PHE A 459 -14.55 -17.61 30.29
C PHE A 459 -15.45 -16.56 30.93
N GLN A 460 -16.77 -16.76 30.85
CA GLN A 460 -17.72 -15.75 31.29
C GLN A 460 -17.75 -15.60 32.82
N LYS A 461 -17.43 -16.69 33.52
CA LYS A 461 -17.25 -16.68 34.98
C LYS A 461 -16.00 -15.87 35.36
N GLU A 462 -14.86 -16.30 34.81
CA GLU A 462 -13.56 -15.67 35.03
C GLU A 462 -13.57 -14.16 34.71
N TRP A 463 -14.19 -13.77 33.59
CA TRP A 463 -14.34 -12.37 33.26
C TRP A 463 -15.17 -11.60 34.31
N ASN A 464 -16.29 -12.18 34.75
CA ASN A 464 -17.13 -11.56 35.79
C ASN A 464 -16.49 -11.49 37.19
N ASP A 465 -15.57 -12.42 37.47
CA ASP A 465 -14.82 -12.46 38.73
C ASP A 465 -13.85 -11.29 38.87
N ILE A 466 -13.37 -10.78 37.74
CA ILE A 466 -12.56 -9.55 37.70
C ILE A 466 -13.50 -8.36 37.41
N LYS A 467 -14.37 -8.08 38.39
CA LYS A 467 -15.11 -6.82 38.45
C LYS A 467 -14.38 -5.82 39.38
N ASN A 468 -13.17 -6.22 39.79
CA ASN A 468 -12.22 -5.40 40.56
C ASN A 468 -11.87 -4.09 39.86
N LYS A 469 -11.97 -4.09 38.54
CA LYS A 469 -12.00 -2.87 37.76
C LYS A 469 -13.39 -2.74 37.11
N ILE A 470 -14.24 -1.90 37.73
CA ILE A 470 -15.63 -1.65 37.30
C ILE A 470 -15.68 -0.97 35.92
N VAL A 471 -14.66 -0.16 35.61
CA VAL A 471 -14.55 0.59 34.34
C VAL A 471 -14.25 -0.27 33.10
N LYS A 472 -13.74 -1.50 33.30
CA LYS A 472 -13.62 -2.43 32.15
C LYS A 472 -14.93 -3.17 31.82
N CYS A 473 -15.67 -2.54 30.90
CA CYS A 473 -16.90 -3.06 30.32
C CYS A 473 -16.80 -3.02 28.79
N ASP A 474 -16.04 -2.05 28.28
CA ASP A 474 -15.65 -2.02 26.85
C ASP A 474 -14.23 -2.57 26.59
N ALA A 475 -13.60 -3.10 27.64
CA ALA A 475 -12.36 -3.90 27.50
C ALA A 475 -12.64 -5.36 27.16
N LYS A 476 -13.91 -5.75 27.26
CA LYS A 476 -14.34 -7.13 27.00
C LYS A 476 -14.34 -7.45 25.50
N PRO A 477 -13.68 -8.56 25.11
CA PRO A 477 -13.72 -8.92 23.70
C PRO A 477 -15.10 -9.37 23.29
N ILE A 478 -15.41 -9.07 22.04
CA ILE A 478 -16.48 -9.67 21.30
C ILE A 478 -16.16 -11.16 21.09
N ILE A 479 -17.16 -12.00 21.29
CA ILE A 479 -16.99 -13.45 21.19
C ILE A 479 -17.77 -13.97 19.98
N SER A 480 -17.04 -14.71 19.15
CA SER A 480 -17.58 -15.25 17.94
C SER A 480 -17.51 -16.76 18.06
N ILE A 481 -18.59 -17.46 17.73
CA ILE A 481 -18.54 -18.95 17.70
C ILE A 481 -18.57 -19.52 16.28
N ASP A 482 -17.48 -20.16 15.88
CA ASP A 482 -17.39 -20.89 14.61
C ASP A 482 -18.22 -22.19 14.69
N THR A 483 -19.47 -22.14 14.26
CA THR A 483 -20.33 -23.33 14.24
C THR A 483 -21.35 -23.29 13.11
N ILE A 484 -21.76 -24.47 12.65
CA ILE A 484 -22.89 -24.63 11.73
C ILE A 484 -24.01 -25.44 12.40
N ASN A 485 -23.77 -25.81 13.66
CA ASN A 485 -24.66 -26.68 14.42
C ASN A 485 -25.62 -25.84 15.27
N TYR A 486 -26.89 -25.89 14.88
CA TYR A 486 -27.99 -25.19 15.55
C TYR A 486 -28.04 -25.41 17.04
N ASN A 487 -27.90 -26.66 17.48
CA ASN A 487 -27.91 -27.01 18.90
C ASN A 487 -26.84 -26.31 19.74
N VAL A 488 -25.62 -26.24 19.21
CA VAL A 488 -24.51 -25.56 19.88
C VAL A 488 -24.78 -24.05 20.04
N PHE A 489 -25.08 -23.39 18.93
CA PHE A 489 -25.48 -21.98 18.95
C PHE A 489 -26.71 -21.66 19.85
N LYS A 490 -27.74 -22.50 19.78
CA LYS A 490 -28.90 -22.40 20.70
C LYS A 490 -28.46 -22.40 22.18
N GLU A 491 -27.55 -23.28 22.54
CA GLU A 491 -27.06 -23.28 23.91
C GLU A 491 -26.19 -22.06 24.26
N CYS A 492 -25.39 -21.61 23.30
CA CYS A 492 -24.58 -20.39 23.48
C CYS A 492 -25.46 -19.16 23.73
N VAL A 493 -26.47 -19.00 22.90
CA VAL A 493 -27.36 -17.83 22.89
C VAL A 493 -28.23 -17.81 24.14
N ASP A 494 -28.74 -18.98 24.53
CA ASP A 494 -29.62 -19.10 25.70
C ASP A 494 -28.89 -18.71 26.98
N ASN A 495 -27.61 -19.04 27.02
CA ASN A 495 -26.78 -18.79 28.18
C ASN A 495 -25.93 -17.51 28.10
N ASP A 496 -26.28 -16.61 27.17
CA ASP A 496 -25.53 -15.35 26.91
C ASP A 496 -24.00 -15.54 26.85
N LEU A 497 -23.55 -16.49 26.04
CA LEU A 497 -22.14 -16.85 25.98
C LEU A 497 -21.38 -16.32 24.75
N VAL A 498 -22.11 -15.79 23.76
CA VAL A 498 -21.50 -15.38 22.49
C VAL A 498 -22.11 -14.10 21.96
N ASP A 499 -21.42 -13.46 21.03
CA ASP A 499 -21.94 -12.27 20.34
C ASP A 499 -22.26 -12.54 18.89
N ILE A 500 -21.44 -13.35 18.24
CA ILE A 500 -21.43 -13.49 16.77
C ILE A 500 -21.45 -14.97 16.37
N LEU A 501 -22.30 -15.30 15.41
CA LEU A 501 -22.28 -16.58 14.74
C LEU A 501 -21.35 -16.49 13.54
N ASN A 502 -20.25 -17.23 13.57
CA ASN A 502 -19.40 -17.41 12.41
C ASN A 502 -19.84 -18.72 11.74
N ASP A 503 -20.69 -18.59 10.71
CA ASP A 503 -21.20 -19.74 9.96
C ASP A 503 -20.43 -19.97 8.67
N ILE A 504 -19.57 -20.98 8.67
CA ILE A 504 -18.77 -21.28 7.49
C ILE A 504 -19.56 -21.83 6.29
N SER A 505 -20.84 -22.13 6.49
CA SER A 505 -21.72 -22.52 5.37
C SER A 505 -22.64 -21.35 4.94
N ALA A 506 -22.41 -20.18 5.51
CA ALA A 506 -23.25 -19.01 5.26
C ALA A 506 -24.73 -19.33 5.55
N CYS A 507 -24.94 -20.06 6.64
CA CYS A 507 -26.27 -20.50 7.08
C CYS A 507 -27.06 -21.33 6.06
N THR A 508 -26.36 -22.02 5.15
CA THR A 508 -27.03 -22.93 4.22
C THR A 508 -27.18 -24.33 4.78
N ASN A 509 -26.35 -24.67 5.77
CA ASN A 509 -26.37 -26.02 6.30
C ASN A 509 -27.63 -26.30 7.10
N ASN A 510 -27.98 -25.37 7.98
CA ASN A 510 -29.27 -25.38 8.60
C ASN A 510 -29.72 -23.93 8.73
N PRO A 511 -30.52 -23.46 7.76
CA PRO A 511 -30.99 -22.07 7.78
C PRO A 511 -31.87 -21.74 8.98
N GLU A 512 -32.29 -22.75 9.74
CA GLU A 512 -33.08 -22.51 10.95
C GLU A 512 -32.26 -21.73 11.95
N ILE A 513 -30.93 -21.84 11.83
CA ILE A 513 -30.00 -21.09 12.67
C ILE A 513 -30.23 -19.56 12.61
N ILE A 514 -30.75 -19.07 11.49
CA ILE A 514 -31.09 -17.66 11.30
C ILE A 514 -32.14 -17.22 12.35
N LYS A 515 -33.03 -18.13 12.75
CA LYS A 515 -34.01 -17.78 13.79
C LYS A 515 -33.33 -17.40 15.12
N LEU A 516 -32.15 -17.97 15.39
CA LEU A 516 -31.44 -17.73 16.66
C LEU A 516 -30.69 -16.37 16.70
N LEU A 517 -30.67 -15.66 15.57
CA LEU A 517 -30.00 -14.35 15.46
C LEU A 517 -30.85 -13.21 16.03
N LYS A 518 -32.04 -13.54 16.50
CA LYS A 518 -32.90 -12.56 17.17
C LYS A 518 -33.44 -13.14 18.46
N LYS A 519 -33.17 -12.46 19.56
CA LYS A 519 -33.99 -12.58 20.78
C LYS A 519 -34.92 -11.37 20.73
N LYS A 520 -35.84 -11.22 21.68
CA LYS A 520 -36.82 -10.13 21.55
C LYS A 520 -36.14 -8.77 21.44
N ASN A 521 -35.52 -8.32 22.53
CA ASN A 521 -34.74 -7.08 22.55
C ASN A 521 -33.52 -7.13 21.58
N LYS A 522 -32.87 -8.29 21.53
CA LYS A 522 -31.48 -8.41 21.04
C LYS A 522 -31.33 -8.96 19.61
N PHE A 523 -30.37 -8.39 18.89
CA PHE A 523 -29.93 -8.91 17.59
C PHE A 523 -28.50 -9.43 17.70
N TYR A 524 -28.20 -10.52 17.01
CA TYR A 524 -26.83 -11.02 16.94
C TYR A 524 -26.26 -10.81 15.55
N SER A 525 -24.94 -10.69 15.47
CA SER A 525 -24.28 -10.51 14.18
C SER A 525 -23.79 -11.85 13.62
N VAL A 526 -23.47 -11.87 12.34
CA VAL A 526 -23.15 -13.09 11.66
C VAL A 526 -22.11 -12.90 10.55
N VAL A 527 -21.14 -13.80 10.51
CA VAL A 527 -20.20 -13.94 9.42
C VAL A 527 -20.75 -15.03 8.50
N LEU A 528 -20.90 -14.70 7.22
CA LEU A 528 -21.28 -15.61 6.16
C LEU A 528 -20.02 -15.85 5.36
N MET A 529 -19.53 -17.08 5.39
CA MET A 529 -18.36 -17.48 4.61
C MET A 529 -18.76 -18.29 3.36
N HIS A 530 -18.01 -18.14 2.27
CA HIS A 530 -18.15 -19.00 1.10
C HIS A 530 -17.25 -20.23 1.17
N LYS A 531 -17.87 -21.40 1.02
CA LYS A 531 -17.17 -22.65 0.71
C LYS A 531 -18.02 -23.52 -0.24
N ARG A 532 -17.46 -24.66 -0.62
CA ARG A 532 -18.20 -25.73 -1.30
C ARG A 532 -17.80 -27.01 -0.65
N GLY A 533 -18.72 -27.99 -0.66
CA GLY A 533 -18.47 -29.32 -0.06
C GLY A 533 -18.09 -29.33 1.41
N ASN A 534 -17.38 -30.38 1.80
CA ASN A 534 -16.97 -30.64 3.18
C ASN A 534 -15.44 -30.66 3.20
N PRO A 535 -14.80 -30.88 4.37
CA PRO A 535 -13.33 -30.86 4.36
C PRO A 535 -12.61 -31.92 3.51
N HIS A 536 -13.35 -32.91 2.99
CA HIS A 536 -12.76 -34.02 2.21
C HIS A 536 -13.07 -33.95 0.71
N THR A 537 -14.18 -33.29 0.35
CA THR A 537 -14.56 -33.09 -1.06
C THR A 537 -14.09 -31.73 -1.62
N MET A 538 -14.03 -30.74 -0.73
CA MET A 538 -13.59 -29.35 -0.96
C MET A 538 -12.53 -29.07 -2.05
N ASP A 539 -11.38 -29.75 -1.95
CA ASP A 539 -10.22 -29.56 -2.83
C ASP A 539 -10.50 -29.96 -4.28
N LYS A 540 -11.58 -30.70 -4.50
CA LYS A 540 -11.96 -31.10 -5.84
C LYS A 540 -13.00 -30.17 -6.48
N LEU A 541 -13.66 -29.36 -5.67
CA LEU A 541 -14.78 -28.54 -6.13
C LEU A 541 -14.36 -27.11 -6.51
N THR A 542 -13.38 -27.05 -7.41
CA THR A 542 -12.52 -25.88 -7.60
C THR A 542 -12.80 -25.11 -8.91
N ASN A 543 -13.80 -25.55 -9.67
CA ASN A 543 -14.17 -24.88 -10.92
C ASN A 543 -15.12 -23.71 -10.75
N TYR A 544 -14.74 -22.57 -11.34
CA TYR A 544 -15.52 -21.36 -11.26
C TYR A 544 -15.47 -20.69 -12.61
N ASP A 545 -16.62 -20.24 -13.13
CA ASP A 545 -16.65 -19.51 -14.41
C ASP A 545 -16.01 -18.16 -14.25
N ASN A 546 -16.24 -17.54 -13.10
CA ASN A 546 -15.79 -16.18 -12.85
C ASN A 546 -15.56 -16.05 -11.33
N LEU A 547 -14.42 -16.56 -10.88
CA LEU A 547 -14.14 -16.79 -9.45
C LEU A 547 -14.53 -15.63 -8.51
N VAL A 548 -14.00 -14.45 -8.77
CA VAL A 548 -14.16 -13.29 -7.91
C VAL A 548 -15.62 -12.87 -7.82
N TYR A 549 -16.32 -12.84 -8.94
CA TYR A 549 -17.71 -12.38 -8.94
C TYR A 549 -18.72 -13.46 -8.58
N ASP A 550 -18.36 -14.72 -8.85
CA ASP A 550 -19.18 -15.86 -8.41
C ASP A 550 -19.30 -15.83 -6.89
N ILE A 551 -18.16 -15.66 -6.22
CA ILE A 551 -18.14 -15.66 -4.75
C ILE A 551 -18.88 -14.43 -4.18
N LYS A 552 -18.51 -13.24 -4.67
CA LYS A 552 -19.24 -12.02 -4.38
C LYS A 552 -20.77 -12.16 -4.53
N ASN A 553 -21.25 -12.58 -5.71
CA ASN A 553 -22.69 -12.73 -5.95
C ASN A 553 -23.30 -13.73 -4.96
N TYR A 554 -22.58 -14.82 -4.71
CA TYR A 554 -23.03 -15.84 -3.75
C TYR A 554 -23.30 -15.24 -2.38
N LEU A 555 -22.31 -14.48 -1.87
CA LEU A 555 -22.44 -13.76 -0.58
C LEU A 555 -23.54 -12.72 -0.58
N GLU A 556 -23.71 -12.02 -1.70
CA GLU A 556 -24.82 -11.08 -1.84
C GLU A 556 -26.17 -11.83 -1.75
N GLN A 557 -26.29 -12.96 -2.45
CA GLN A 557 -27.50 -13.77 -2.38
C GLN A 557 -27.81 -14.22 -0.95
N ARG A 558 -26.77 -14.68 -0.24
CA ARG A 558 -26.91 -15.07 1.17
C ARG A 558 -27.35 -13.89 2.03
N LEU A 559 -26.67 -12.75 1.90
CA LEU A 559 -27.12 -11.53 2.56
C LEU A 559 -28.59 -11.24 2.26
N ASN A 560 -29.00 -11.29 0.99
CA ASN A 560 -30.39 -10.99 0.62
C ASN A 560 -31.39 -11.86 1.36
N PHE A 561 -31.04 -13.14 1.48
CA PHE A 561 -31.87 -14.09 2.21
C PHE A 561 -32.03 -13.79 3.72
N LEU A 562 -30.96 -13.49 4.43
CA LEU A 562 -31.09 -13.11 5.83
C LEU A 562 -31.81 -11.77 6.02
N VAL A 563 -31.53 -10.80 5.13
CA VAL A 563 -32.14 -9.48 5.20
C VAL A 563 -33.65 -9.61 5.01
N LEU A 564 -34.06 -10.41 4.03
CA LEU A 564 -35.49 -10.73 3.83
C LEU A 564 -36.10 -11.31 5.11
N ASN A 565 -35.29 -12.04 5.89
CA ASN A 565 -35.79 -12.66 7.12
C ASN A 565 -35.59 -11.86 8.40
N GLY A 566 -35.25 -10.59 8.21
CA GLY A 566 -35.31 -9.60 9.28
C GLY A 566 -34.02 -9.41 10.04
N ILE A 567 -32.93 -9.92 9.48
CA ILE A 567 -31.62 -9.70 10.08
C ILE A 567 -31.09 -8.38 9.56
N PRO A 568 -30.72 -7.45 10.48
CA PRO A 568 -30.19 -6.15 10.10
C PRO A 568 -29.01 -6.30 9.17
N ARG A 569 -29.12 -5.68 7.99
CA ARG A 569 -28.06 -5.65 6.97
C ARG A 569 -26.68 -5.29 7.54
N TYR A 570 -26.68 -4.32 8.48
CA TYR A 570 -25.46 -3.84 9.12
C TYR A 570 -24.85 -4.82 10.15
N ARG A 571 -25.50 -5.95 10.41
CA ARG A 571 -24.88 -6.99 11.28
C ARG A 571 -24.37 -8.20 10.51
N ILE A 572 -24.31 -8.08 9.19
CA ILE A 572 -23.91 -9.19 8.34
C ILE A 572 -22.54 -8.97 7.76
N LEU A 573 -21.63 -9.91 8.00
CA LEU A 573 -20.23 -9.79 7.57
C LEU A 573 -19.89 -10.85 6.54
N PHE A 574 -19.03 -10.47 5.59
CA PHE A 574 -18.69 -11.26 4.40
C PHE A 574 -17.34 -11.92 4.60
N ASP A 575 -17.23 -13.20 4.24
CA ASP A 575 -15.93 -13.90 4.24
C ASP A 575 -15.80 -14.75 2.98
N ILE A 576 -14.76 -14.42 2.23
CA ILE A 576 -14.44 -15.08 0.95
C ILE A 576 -13.99 -16.52 1.12
N GLY A 577 -13.77 -16.95 2.36
CA GLY A 577 -13.33 -18.30 2.66
C GLY A 577 -12.05 -18.77 1.97
N LEU A 578 -10.95 -18.05 2.17
CA LEU A 578 -9.65 -18.47 1.63
C LEU A 578 -9.34 -19.93 1.95
N GLY A 579 -8.90 -20.68 0.95
CA GLY A 579 -8.55 -22.09 1.13
C GLY A 579 -9.69 -23.10 1.13
N PHE A 580 -10.94 -22.66 1.21
CA PHE A 580 -12.12 -23.56 1.17
C PHE A 580 -12.66 -23.67 -0.26
N ALA A 581 -12.32 -24.74 -0.98
CA ALA A 581 -12.75 -24.95 -2.39
C ALA A 581 -12.14 -23.92 -3.35
N LYS A 582 -10.87 -23.65 -3.07
CA LYS A 582 -10.03 -22.76 -3.87
C LYS A 582 -8.67 -23.39 -3.95
N LYS A 583 -8.15 -23.55 -5.17
CA LYS A 583 -6.71 -23.77 -5.40
C LYS A 583 -5.96 -22.54 -4.89
N HIS A 584 -4.67 -22.70 -4.65
CA HIS A 584 -3.85 -21.63 -4.10
C HIS A 584 -3.81 -20.35 -4.93
N ASP A 585 -3.75 -20.48 -6.25
CA ASP A 585 -3.77 -19.31 -7.13
C ASP A 585 -5.12 -18.60 -7.08
N GLN A 586 -6.16 -19.37 -6.76
CA GLN A 586 -7.51 -18.84 -6.59
C GLN A 586 -7.65 -18.05 -5.29
N SER A 587 -7.07 -18.57 -4.21
CA SER A 587 -6.97 -17.86 -2.96
C SER A 587 -6.18 -16.53 -3.12
N ILE A 588 -5.05 -16.58 -3.84
CA ILE A 588 -4.31 -15.37 -4.20
C ILE A 588 -5.18 -14.39 -5.01
N LYS A 589 -5.90 -14.92 -6.00
CA LYS A 589 -6.72 -14.08 -6.90
C LYS A 589 -7.80 -13.36 -6.12
N LEU A 590 -8.40 -14.07 -5.18
CA LEU A 590 -9.38 -13.49 -4.29
C LEU A 590 -8.80 -12.31 -3.50
N LEU A 591 -7.58 -12.46 -2.96
CA LEU A 591 -6.87 -11.37 -2.30
C LEU A 591 -6.57 -10.21 -3.23
N GLN A 592 -5.93 -10.45 -4.37
CA GLN A 592 -5.65 -9.43 -5.39
C GLN A 592 -6.91 -8.62 -5.70
N ASN A 593 -8.07 -9.24 -5.60
CA ASN A 593 -9.33 -8.59 -5.95
C ASN A 593 -10.24 -8.26 -4.79
N ILE A 594 -9.65 -8.06 -3.63
CA ILE A 594 -10.37 -7.79 -2.40
C ILE A 594 -11.19 -6.47 -2.43
N HIS A 595 -10.81 -5.50 -3.29
CA HIS A 595 -11.48 -4.18 -3.47
C HIS A 595 -12.96 -4.36 -3.78
N VAL A 596 -13.25 -5.43 -4.49
CA VAL A 596 -14.62 -5.88 -4.78
C VAL A 596 -15.58 -5.81 -3.57
N TYR A 597 -15.03 -5.85 -2.36
CA TYR A 597 -15.78 -5.73 -1.09
C TYR A 597 -15.67 -4.37 -0.38
N ASP A 598 -15.29 -3.32 -1.12
CA ASP A 598 -15.14 -1.96 -0.55
C ASP A 598 -16.42 -1.42 0.06
N GLU A 599 -17.57 -1.90 -0.39
CA GLU A 599 -18.85 -1.49 0.16
C GLU A 599 -19.31 -2.31 1.36
N TYR A 600 -18.59 -3.38 1.72
CA TYR A 600 -19.11 -4.37 2.67
C TYR A 600 -18.23 -4.59 3.89
N PRO A 601 -18.83 -4.96 5.08
CA PRO A 601 -18.02 -5.39 6.23
C PRO A 601 -17.39 -6.71 5.91
N LEU A 602 -16.06 -6.75 5.92
CA LEU A 602 -15.32 -7.88 5.39
C LEU A 602 -14.47 -8.50 6.49
N PHE A 603 -14.48 -9.83 6.52
CA PHE A 603 -13.87 -10.65 7.56
C PHE A 603 -13.09 -11.70 6.77
N ILE A 604 -11.80 -11.86 7.04
CA ILE A 604 -10.98 -12.85 6.31
C ILE A 604 -10.04 -13.65 7.23
N GLY A 605 -9.80 -14.90 6.84
CA GLY A 605 -8.96 -15.81 7.58
C GLY A 605 -7.91 -16.46 6.70
N TYR A 606 -6.71 -15.89 6.68
CA TYR A 606 -5.64 -16.41 5.86
C TYR A 606 -4.70 -17.24 6.72
N SER A 607 -4.86 -17.14 8.03
CA SER A 607 -3.81 -17.50 8.99
C SER A 607 -3.44 -18.96 8.98
N ARG A 608 -2.15 -19.20 8.75
CA ARG A 608 -1.54 -20.55 8.67
C ARG A 608 -2.07 -21.46 7.56
N LYS A 609 -2.75 -20.87 6.58
CA LYS A 609 -3.34 -21.65 5.49
C LYS A 609 -2.31 -22.03 4.43
N ARG A 610 -2.62 -23.08 3.68
CA ARG A 610 -1.67 -23.70 2.76
C ARG A 610 -1.17 -22.78 1.65
N PHE A 611 -2.01 -21.85 1.21
CA PHE A 611 -1.65 -20.95 0.09
C PHE A 611 -0.52 -19.95 0.42
N ILE A 612 -0.30 -19.64 1.71
CA ILE A 612 0.81 -18.78 2.17
C ILE A 612 2.16 -19.39 1.75
N ALA A 613 2.32 -20.69 1.99
CA ALA A 613 3.50 -21.47 1.56
C ALA A 613 3.69 -21.53 0.06
N HIS A 614 2.59 -21.51 -0.69
CA HIS A 614 2.59 -21.47 -2.16
C HIS A 614 3.28 -20.20 -2.74
N CYS A 615 3.38 -19.15 -1.92
CA CYS A 615 3.96 -17.87 -2.37
C CYS A 615 5.48 -17.85 -2.28
N MET A 616 6.07 -18.82 -1.60
CA MET A 616 7.50 -18.80 -1.30
C MET A 616 8.35 -19.69 -2.20
N ASN A 617 9.58 -19.25 -2.41
CA ASN A 617 10.51 -19.88 -3.37
C ASN A 617 11.38 -20.98 -2.76
N LYS A 658 14.06 -27.06 11.86
CA LYS A 658 13.91 -27.54 10.48
C LYS A 658 12.46 -27.65 10.01
N ASP A 659 11.54 -27.89 10.95
CA ASP A 659 10.09 -27.93 10.70
C ASP A 659 9.38 -26.71 11.31
N GLN A 660 10.01 -26.16 12.36
CA GLN A 660 9.66 -24.87 12.95
C GLN A 660 10.04 -23.74 11.98
N LEU A 661 10.80 -24.10 10.95
CA LEU A 661 11.17 -23.21 9.85
C LEU A 661 9.95 -22.83 9.01
N LEU A 662 9.21 -23.85 8.57
CA LEU A 662 8.02 -23.68 7.73
C LEU A 662 6.90 -23.03 8.52
N TYR A 663 6.84 -23.35 9.81
CA TYR A 663 5.97 -22.70 10.80
C TYR A 663 6.26 -21.18 10.89
N GLN A 664 7.55 -20.81 10.88
CA GLN A 664 7.99 -19.40 10.89
C GLN A 664 7.62 -18.67 9.59
N LYS A 665 8.00 -19.24 8.45
CA LYS A 665 7.68 -18.67 7.13
C LYS A 665 6.18 -18.41 6.97
N ASN A 666 5.38 -19.23 7.65
CA ASN A 666 3.96 -19.19 7.50
C ASN A 666 3.41 -18.03 8.31
N ILE A 667 3.87 -17.90 9.54
CA ILE A 667 3.48 -16.79 10.39
C ILE A 667 3.87 -15.46 9.73
N CYS A 668 5.07 -15.41 9.14
CA CYS A 668 5.59 -14.19 8.56
C CYS A 668 4.89 -13.83 7.25
N GLY A 669 4.56 -14.85 6.45
CA GLY A 669 3.70 -14.68 5.27
C GLY A 669 2.34 -14.17 5.68
N GLY A 670 1.84 -14.65 6.81
CA GLY A 670 0.62 -14.13 7.42
C GLY A 670 0.74 -12.64 7.71
N LEU A 671 1.87 -12.23 8.28
CA LEU A 671 2.13 -10.81 8.57
C LEU A 671 2.14 -9.94 7.30
N ALA A 672 2.69 -10.43 6.19
CA ALA A 672 2.50 -9.79 4.88
C ALA A 672 1.03 -9.56 4.52
N ILE A 673 0.18 -10.58 4.68
CA ILE A 673 -1.27 -10.45 4.44
C ILE A 673 -1.93 -9.49 5.47
N ALA A 674 -1.44 -9.45 6.71
CA ALA A 674 -1.93 -8.43 7.65
C ALA A 674 -1.68 -7.00 7.12
N SER A 675 -0.50 -6.78 6.54
CA SER A 675 -0.11 -5.50 5.95
C SER A 675 -0.98 -5.12 4.78
N TYR A 676 -1.22 -6.09 3.90
CA TYR A 676 -2.05 -5.90 2.73
C TYR A 676 -3.49 -5.58 3.15
N SER A 677 -3.98 -6.33 4.14
CA SER A 677 -5.32 -6.19 4.72
C SER A 677 -5.50 -4.81 5.31
N TYR A 678 -4.47 -4.33 6.01
CA TYR A 678 -4.45 -2.99 6.56
C TYR A 678 -4.67 -1.89 5.47
N TYR A 679 -3.87 -1.96 4.41
CA TYR A 679 -3.98 -1.03 3.30
C TYR A 679 -5.24 -1.19 2.49
N LYS A 680 -5.78 -2.41 2.44
CA LYS A 680 -7.03 -2.63 1.72
C LYS A 680 -8.22 -2.37 2.63
N LYS A 681 -7.93 -1.95 3.86
CA LYS A 681 -8.91 -1.60 4.88
C LYS A 681 -9.92 -2.72 5.19
N VAL A 682 -9.43 -3.95 5.22
CA VAL A 682 -10.21 -5.11 5.63
C VAL A 682 -10.67 -4.93 7.10
N ASP A 683 -11.95 -5.11 7.35
CA ASP A 683 -12.51 -4.79 8.65
C ASP A 683 -12.11 -5.76 9.76
N LEU A 684 -12.07 -7.05 9.44
CA LEU A 684 -11.63 -8.05 10.42
C LEU A 684 -10.73 -9.10 9.81
N ILE A 685 -9.66 -9.43 10.53
CA ILE A 685 -8.75 -10.49 10.12
C ILE A 685 -8.57 -11.51 11.22
N ARG A 686 -8.65 -12.78 10.81
CA ARG A 686 -8.72 -13.90 11.75
C ARG A 686 -7.36 -14.58 11.84
N VAL A 687 -6.71 -14.44 12.99
CA VAL A 687 -5.33 -14.85 13.11
C VAL A 687 -5.11 -15.73 14.34
N HIS A 688 -4.15 -16.66 14.23
CA HIS A 688 -3.58 -17.36 15.38
C HIS A 688 -2.62 -16.50 16.22
N ASP A 689 -1.90 -15.59 15.55
CA ASP A 689 -0.75 -14.89 16.15
C ASP A 689 -1.08 -13.43 16.45
N VAL A 690 -1.81 -13.22 17.57
CA VAL A 690 -2.38 -11.89 17.93
C VAL A 690 -1.30 -10.83 18.17
N LEU A 691 -0.30 -11.15 19.01
CA LEU A 691 0.81 -10.25 19.31
C LEU A 691 1.52 -9.77 18.03
N GLU A 692 1.89 -10.73 17.17
CA GLU A 692 2.61 -10.43 15.94
C GLU A 692 1.79 -9.53 15.03
N THR A 693 0.51 -9.89 14.84
CA THR A 693 -0.40 -9.13 13.99
C THR A 693 -0.59 -7.70 14.53
N LYS A 694 -0.73 -7.56 15.85
CA LYS A 694 -0.91 -6.26 16.50
C LYS A 694 0.30 -5.36 16.31
N SER A 695 1.49 -5.95 16.41
CA SER A 695 2.72 -5.24 16.16
C SER A 695 2.82 -4.68 14.74
N VAL A 696 2.48 -5.50 13.75
CA VAL A 696 2.41 -4.99 12.39
C VAL A 696 1.39 -3.84 12.32
N LEU A 697 0.18 -4.05 12.83
CA LEU A 697 -0.87 -3.03 12.65
C LEU A 697 -0.58 -1.71 13.36
N ASP A 698 0.10 -1.77 14.50
CA ASP A 698 0.49 -0.58 15.26
C ASP A 698 1.51 0.26 14.51
N VAL A 699 2.54 -0.39 13.96
CA VAL A 699 3.54 0.29 13.14
C VAL A 699 2.90 0.94 11.91
N LEU A 700 2.16 0.18 11.11
CA LEU A 700 1.55 0.78 9.91
C LEU A 700 0.64 1.97 10.23
N THR A 701 -0.11 1.85 11.33
CA THR A 701 -0.94 2.93 11.87
C THR A 701 -0.12 4.20 12.24
N LYS A 702 1.04 4.03 12.89
CA LYS A 702 1.94 5.14 13.19
C LYS A 702 2.41 5.88 11.95
N ILE A 703 2.87 5.12 10.95
CA ILE A 703 3.36 5.69 9.71
C ILE A 703 2.26 6.53 9.02
N ASP A 704 1.02 6.04 9.06
CA ASP A 704 -0.12 6.75 8.48
C ASP A 704 -0.57 8.00 9.23
N GLN A 705 -0.21 8.09 10.51
CA GLN A 705 -0.66 9.15 11.40
C GLN A 705 0.21 10.43 11.25
N VAL A 706 -0.34 11.42 10.54
CA VAL A 706 0.27 12.76 10.43
C VAL A 706 -0.43 13.69 11.42
N LYS A 707 0.29 14.16 12.43
CA LYS A 707 -0.27 15.10 13.42
C LYS A 707 0.39 16.49 13.39
N ASP A 708 -0.44 17.51 13.56
CA ASP A 708 0.02 18.90 13.65
C ASP A 708 -0.90 19.73 14.56
N GLU B 6 48.84 21.51 -38.39
CA GLU B 6 47.77 22.49 -38.09
C GLU B 6 47.88 23.06 -36.67
N LEU B 7 46.98 24.00 -36.34
CA LEU B 7 46.75 24.51 -34.97
C LEU B 7 46.35 23.37 -34.01
N ILE B 8 45.70 22.35 -34.56
CA ILE B 8 45.34 21.09 -33.90
C ILE B 8 46.52 20.47 -33.12
N LEU B 9 47.71 20.51 -33.71
CA LEU B 9 48.91 19.91 -33.12
C LEU B 9 49.76 20.81 -32.21
N SER B 10 49.36 22.09 -32.07
CA SER B 10 50.05 23.07 -31.21
C SER B 10 50.07 22.63 -29.74
N GLU B 11 51.29 22.49 -29.21
CA GLU B 11 51.52 21.77 -27.94
C GLU B 11 51.37 22.61 -26.66
N GLU B 12 50.81 23.81 -26.82
CA GLU B 12 50.36 24.64 -25.69
C GLU B 12 49.19 23.93 -24.96
N ASN B 13 49.44 23.53 -23.70
CA ASN B 13 48.50 22.72 -22.92
C ASN B 13 47.17 23.42 -22.61
N LYS B 14 46.08 22.72 -22.91
CA LYS B 14 44.73 23.29 -22.88
C LYS B 14 43.76 22.44 -22.04
N THR B 15 42.82 23.12 -21.38
CA THR B 15 41.74 22.44 -20.64
C THR B 15 40.36 22.75 -21.25
N ASN B 16 39.80 21.74 -21.91
CA ASN B 16 38.49 21.83 -22.54
C ASN B 16 37.42 20.99 -21.82
N ILE B 17 36.16 21.41 -21.95
CA ILE B 17 34.99 20.66 -21.44
C ILE B 17 34.20 19.93 -22.56
N ALA B 18 34.24 18.62 -22.54
CA ALA B 18 33.45 17.80 -23.46
C ALA B 18 32.33 17.02 -22.76
N VAL B 19 31.23 16.80 -23.47
CA VAL B 19 30.13 15.96 -22.99
C VAL B 19 29.95 14.80 -23.95
N LEU B 20 30.07 13.59 -23.43
CA LEU B 20 30.03 12.38 -24.26
C LEU B 20 28.78 11.54 -24.04
N ASN B 21 28.47 10.67 -25.00
CA ASN B 21 27.41 9.67 -24.89
C ASN B 21 28.04 8.31 -25.08
N LEU B 22 27.64 7.34 -24.26
CA LEU B 22 28.17 5.98 -24.35
C LEU B 22 27.01 5.02 -24.48
N GLY B 23 27.11 4.13 -25.47
CA GLY B 23 26.03 3.21 -25.80
C GLY B 23 26.51 1.80 -26.05
N THR B 24 25.65 0.84 -25.75
CA THR B 24 25.88 -0.56 -26.04
C THR B 24 24.50 -1.21 -26.08
N ASN B 25 24.43 -2.41 -26.65
CA ASN B 25 23.16 -3.12 -26.75
C ASN B 25 23.23 -4.52 -26.12
N ASP B 26 24.40 -4.86 -25.58
CA ASP B 26 24.63 -6.12 -24.86
C ASP B 26 24.10 -5.96 -23.44
N ARG B 27 22.93 -6.54 -23.17
CA ARG B 27 22.31 -6.45 -21.84
C ARG B 27 23.20 -7.06 -20.75
N ARG B 28 23.67 -8.29 -20.97
CA ARG B 28 24.40 -9.03 -19.92
C ARG B 28 25.72 -8.36 -19.53
N ASN B 29 26.33 -7.65 -20.47
CA ASN B 29 27.65 -7.07 -20.24
C ASN B 29 27.71 -5.55 -20.30
N ALA B 30 26.54 -4.91 -20.38
CA ALA B 30 26.42 -3.44 -20.39
C ALA B 30 27.37 -2.76 -19.42
N VAL B 31 27.37 -3.22 -18.16
CA VAL B 31 28.19 -2.63 -17.10
C VAL B 31 29.69 -2.77 -17.40
N LEU B 32 30.14 -3.99 -17.74
CA LEU B 32 31.56 -4.22 -18.10
C LEU B 32 31.98 -3.47 -19.36
N ILE B 33 31.15 -3.52 -20.39
CA ILE B 33 31.40 -2.78 -21.63
C ILE B 33 31.52 -1.28 -21.34
N LEU B 34 30.49 -0.71 -20.71
CA LEU B 34 30.42 0.73 -20.49
C LEU B 34 31.45 1.25 -19.49
N GLU B 35 31.71 0.48 -18.44
CA GLU B 35 32.75 0.86 -17.47
C GLU B 35 34.17 0.74 -18.01
N THR B 36 34.37 -0.19 -18.95
CA THR B 36 35.63 -0.29 -19.70
C THR B 36 35.84 0.97 -20.53
N ALA B 37 34.78 1.41 -21.22
CA ALA B 37 34.84 2.63 -22.04
C ALA B 37 35.09 3.88 -21.20
N LEU B 38 34.42 3.97 -20.05
CA LEU B 38 34.64 5.03 -19.07
C LEU B 38 36.11 5.13 -18.69
N HIS B 39 36.74 3.98 -18.40
CA HIS B 39 38.14 3.97 -18.00
C HIS B 39 39.13 4.35 -19.11
N LEU B 40 38.84 4.00 -20.36
CA LEU B 40 39.72 4.42 -21.47
C LEU B 40 39.54 5.90 -21.79
N VAL B 41 38.35 6.42 -21.49
CA VAL B 41 38.07 7.86 -21.56
C VAL B 41 38.80 8.61 -20.43
N GLU B 42 38.80 8.03 -19.22
CA GLU B 42 39.58 8.58 -18.10
C GLU B 42 41.08 8.54 -18.44
N LYS B 43 41.54 7.45 -19.06
CA LYS B 43 42.95 7.23 -19.39
C LYS B 43 43.42 8.08 -20.56
N TYR B 44 42.69 8.06 -21.67
CA TYR B 44 43.15 8.68 -22.92
C TYR B 44 42.58 10.06 -23.25
N LEU B 45 41.74 10.63 -22.38
CA LEU B 45 41.03 11.89 -22.72
C LEU B 45 41.07 13.00 -21.68
N GLY B 46 41.07 12.64 -20.41
CA GLY B 46 41.00 13.62 -19.34
C GLY B 46 40.42 13.08 -18.06
N LYS B 47 39.70 13.94 -17.33
CA LYS B 47 39.09 13.56 -16.07
C LYS B 47 37.57 13.64 -16.16
N ILE B 48 36.93 12.48 -15.95
CA ILE B 48 35.48 12.37 -15.78
C ILE B 48 35.01 13.15 -14.54
N ILE B 49 34.19 14.16 -14.78
CA ILE B 49 33.75 15.06 -13.72
C ILE B 49 32.22 15.09 -13.57
N ASN B 50 31.51 14.29 -14.39
CA ASN B 50 30.08 14.04 -14.25
C ASN B 50 29.64 12.80 -15.00
N THR B 51 28.63 12.12 -14.48
CA THR B 51 28.00 10.98 -15.17
C THR B 51 26.47 11.06 -14.96
N SER B 52 25.72 10.44 -15.87
CA SER B 52 24.28 10.33 -15.71
C SER B 52 24.03 8.99 -15.03
N TYR B 53 22.77 8.63 -14.84
CA TYR B 53 22.45 7.22 -14.57
C TYR B 53 22.63 6.44 -15.87
N LEU B 54 22.73 5.13 -15.71
CA LEU B 54 22.64 4.17 -16.77
C LEU B 54 21.15 4.01 -17.08
N TYR B 55 20.82 3.88 -18.37
CA TYR B 55 19.44 3.70 -18.78
C TYR B 55 19.27 2.60 -19.78
N GLU B 56 18.27 1.77 -19.56
CA GLU B 56 17.76 0.84 -20.57
C GLU B 56 16.70 1.59 -21.39
N THR B 57 16.98 1.69 -22.69
CA THR B 57 16.28 2.53 -23.65
C THR B 57 15.66 1.68 -24.76
N VAL B 58 14.44 2.04 -25.14
CA VAL B 58 13.89 1.58 -26.41
C VAL B 58 13.67 2.79 -27.33
N PRO B 59 13.78 2.60 -28.67
CA PRO B 59 13.35 3.61 -29.65
C PRO B 59 11.99 4.22 -29.33
N GLU B 60 11.86 5.52 -29.58
CA GLU B 60 10.80 6.39 -29.01
C GLU B 60 9.31 6.01 -29.27
N TYR B 61 9.07 4.98 -30.08
CA TYR B 61 7.71 4.51 -30.44
C TYR B 61 7.13 3.38 -29.58
N ILE B 62 8.00 2.47 -29.11
CA ILE B 62 7.58 1.31 -28.28
C ILE B 62 7.29 1.75 -26.84
N ASP B 81 33.61 -12.99 -26.38
CA ASP B 81 33.47 -11.55 -26.58
C ASP B 81 33.65 -10.74 -25.27
N VAL B 82 33.99 -11.44 -24.19
CA VAL B 82 34.16 -10.83 -22.86
C VAL B 82 35.61 -10.92 -22.36
N ASN B 83 36.24 -12.08 -22.59
CA ASN B 83 37.67 -12.31 -22.31
C ASN B 83 38.59 -11.38 -23.07
N TYR B 84 38.11 -10.93 -24.24
CA TYR B 84 38.69 -9.85 -25.04
C TYR B 84 39.12 -8.67 -24.17
N ILE B 85 38.19 -8.23 -23.31
CA ILE B 85 38.35 -7.04 -22.47
C ILE B 85 39.38 -7.24 -21.33
N ASN B 86 39.22 -8.32 -20.57
CA ASN B 86 40.04 -8.58 -19.39
C ASN B 86 41.53 -8.75 -19.71
N GLU B 87 41.81 -9.25 -20.91
CA GLU B 87 43.17 -9.38 -21.41
C GLU B 87 43.68 -8.04 -21.97
N LEU B 88 42.79 -7.27 -22.62
CA LEU B 88 43.11 -5.95 -23.21
C LEU B 88 43.64 -4.93 -22.20
N MET B 89 43.22 -5.07 -20.94
CA MET B 89 43.63 -4.14 -19.86
C MET B 89 45.12 -4.19 -19.54
N GLN B 90 45.73 -5.38 -19.64
CA GLN B 90 47.18 -5.54 -19.48
C GLN B 90 47.96 -4.87 -20.62
N ASN B 91 47.54 -5.13 -21.86
CA ASN B 91 48.19 -4.58 -23.05
C ASN B 91 47.64 -3.21 -23.46
N LEU B 92 47.58 -2.30 -22.50
CA LEU B 92 47.12 -0.95 -22.79
C LEU B 92 48.30 -0.03 -23.01
N GLU B 93 48.22 0.76 -24.08
CA GLU B 93 49.26 1.72 -24.39
C GLU B 93 49.15 2.86 -23.40
N GLU B 94 50.29 3.37 -22.96
CA GLU B 94 50.36 4.45 -21.96
C GLU B 94 49.89 5.79 -22.51
N SER B 95 49.29 6.59 -21.65
CA SER B 95 48.89 7.94 -22.02
C SER B 95 50.10 8.85 -21.93
N LYS B 96 50.11 9.91 -22.72
CA LYS B 96 51.18 10.92 -22.67
C LYS B 96 50.87 12.01 -21.64
N TYR B 97 49.73 11.83 -20.97
CA TYR B 97 49.29 12.70 -19.87
C TYR B 97 49.04 11.83 -18.65
N GLU B 98 49.57 12.27 -17.50
CA GLU B 98 49.41 11.53 -16.24
C GLU B 98 48.06 11.84 -15.60
N GLU B 99 47.33 10.79 -15.23
CA GLU B 99 45.99 10.94 -14.63
C GLU B 99 46.14 11.26 -13.15
N ASN B 100 45.55 12.38 -12.74
CA ASN B 100 45.66 12.93 -11.40
C ASN B 100 44.48 12.53 -10.47
N LYS B 101 44.74 11.50 -9.65
CA LYS B 101 43.76 10.91 -8.73
C LYS B 101 43.25 11.84 -7.60
N GLU B 102 44.00 12.91 -7.31
CA GLU B 102 43.64 13.97 -6.35
C GLU B 102 42.15 14.36 -6.37
N LEU B 103 41.58 14.52 -5.18
CA LEU B 103 40.21 14.98 -5.03
C LEU B 103 40.11 16.46 -5.23
N ILE B 104 39.00 16.89 -5.84
CA ILE B 104 38.69 18.31 -6.13
C ILE B 104 37.32 18.70 -5.52
N ASP B 105 37.14 19.99 -5.23
CA ASP B 105 35.92 20.52 -4.58
C ASP B 105 35.01 21.19 -5.60
N LYS B 106 35.63 21.83 -6.58
CA LYS B 106 34.95 22.39 -7.73
C LYS B 106 35.86 22.28 -8.93
N CYS B 107 35.42 22.82 -10.06
CA CYS B 107 36.20 22.81 -11.30
C CYS B 107 35.76 24.00 -12.12
N GLU B 108 36.64 25.00 -12.16
CA GLU B 108 36.40 26.32 -12.77
C GLU B 108 35.95 26.26 -14.23
N GLU B 109 36.60 25.42 -15.02
CA GLU B 109 36.29 25.25 -16.43
C GLU B 109 34.88 24.70 -16.63
N TYR B 110 34.47 23.79 -15.74
CA TYR B 110 33.13 23.22 -15.77
C TYR B 110 32.12 24.27 -15.36
N GLU B 111 32.44 25.04 -14.31
CA GLU B 111 31.60 26.16 -13.85
C GLU B 111 31.35 27.16 -14.95
N THR B 112 32.39 27.42 -15.78
CA THR B 112 32.31 28.36 -16.90
C THR B 112 31.63 27.77 -18.14
N PHE B 113 31.81 26.46 -18.36
CA PHE B 113 31.08 25.74 -19.42
C PHE B 113 29.55 25.81 -19.21
N LEU B 114 29.12 25.86 -17.94
CA LEU B 114 27.71 25.96 -17.57
C LEU B 114 27.11 27.38 -17.63
N LYS B 115 27.91 28.42 -17.38
CA LYS B 115 27.46 29.85 -17.31
C LYS B 115 26.63 30.44 -18.48
N ASN B 116 27.02 30.26 -19.75
CA ASN B 116 28.31 29.73 -20.20
C ASN B 116 29.25 30.84 -20.66
N GLY B 117 30.32 31.02 -19.90
CA GLY B 117 31.22 32.17 -20.00
C GLY B 117 32.23 32.08 -21.11
N LYS B 118 33.00 33.16 -21.26
CA LYS B 118 33.99 33.31 -22.32
C LYS B 118 35.11 32.26 -22.23
N VAL B 119 35.17 31.42 -23.27
CA VAL B 119 36.31 30.52 -23.50
C VAL B 119 37.02 31.01 -24.77
N ASP B 120 38.16 30.40 -25.11
CA ASP B 120 38.90 30.71 -26.32
C ASP B 120 38.11 30.28 -27.57
N ASN B 121 38.33 31.00 -28.67
CA ASN B 121 37.81 30.65 -30.01
C ASN B 121 38.15 29.21 -30.41
N SER B 122 37.25 28.60 -31.17
CA SER B 122 37.43 27.25 -31.69
C SER B 122 38.56 27.19 -32.72
N ILE B 123 39.42 26.20 -32.58
CA ILE B 123 40.45 25.85 -33.56
C ILE B 123 39.80 25.50 -34.92
N LEU B 124 38.84 24.58 -34.89
CA LEU B 124 38.06 24.22 -36.08
C LEU B 124 37.07 25.33 -36.44
N LYS B 125 36.67 25.38 -37.72
CA LYS B 125 35.80 26.43 -38.19
C LYS B 125 34.35 26.20 -37.78
N GLU B 126 33.76 27.23 -37.15
CA GLU B 126 32.40 27.20 -36.63
C GLU B 126 31.37 27.63 -37.67
N VAL B 127 30.23 26.95 -37.70
CA VAL B 127 29.07 27.37 -38.49
C VAL B 127 28.10 28.23 -37.64
N ASN B 128 27.30 29.07 -38.30
CA ASN B 128 26.24 29.84 -37.62
C ASN B 128 25.08 28.93 -37.21
N VAL B 129 24.19 29.46 -36.37
CA VAL B 129 23.07 28.70 -35.80
C VAL B 129 22.17 28.08 -36.89
N GLU B 130 21.71 28.93 -37.81
CA GLU B 130 20.79 28.56 -38.91
C GLU B 130 21.30 27.40 -39.76
N ASN B 131 22.53 27.54 -40.25
CA ASN B 131 23.19 26.53 -41.09
C ASN B 131 23.36 25.20 -40.39
N TYR B 132 23.78 25.24 -39.11
CA TYR B 132 23.87 24.07 -38.25
C TYR B 132 22.55 23.29 -38.20
N LEU B 133 21.45 24.01 -37.97
CA LEU B 133 20.14 23.41 -37.80
C LEU B 133 19.70 22.66 -39.06
N LEU B 134 19.89 23.31 -40.20
CA LEU B 134 19.59 22.76 -41.53
C LEU B 134 20.43 21.52 -41.83
N GLU B 135 21.73 21.61 -41.56
CA GLU B 135 22.63 20.47 -41.70
C GLU B 135 22.23 19.26 -40.82
N CYS B 136 21.77 19.54 -39.61
CA CYS B 136 21.32 18.50 -38.69
C CYS B 136 19.99 17.89 -39.14
N ASN B 137 19.08 18.75 -39.61
CA ASN B 137 17.79 18.30 -40.11
C ASN B 137 17.91 17.41 -41.33
N ASN B 138 18.86 17.73 -42.21
CA ASN B 138 19.20 16.89 -43.37
C ASN B 138 19.56 15.48 -42.94
N ILE B 139 20.47 15.37 -41.98
CA ILE B 139 20.95 14.06 -41.49
C ILE B 139 19.81 13.25 -40.87
N ILE B 140 18.93 13.94 -40.13
CA ILE B 140 17.77 13.32 -39.47
C ILE B 140 16.81 12.73 -40.51
N VAL B 141 16.46 13.50 -41.55
CA VAL B 141 15.51 13.01 -42.57
C VAL B 141 16.12 11.92 -43.47
N LYS B 142 17.40 12.06 -43.78
CA LYS B 142 18.13 11.09 -44.59
C LYS B 142 18.33 9.77 -43.88
N ASN B 143 18.57 9.79 -42.57
CA ASN B 143 18.64 8.57 -41.77
C ASN B 143 17.26 7.93 -41.58
N ASP B 144 16.22 8.76 -41.54
CA ASP B 144 14.81 8.32 -41.46
C ASP B 144 14.40 7.45 -42.65
N GLU B 145 14.69 7.93 -43.86
CA GLU B 145 14.46 7.20 -45.10
C GLU B 145 15.23 5.86 -45.18
N ILE B 146 16.49 5.85 -44.72
CA ILE B 146 17.34 4.64 -44.67
C ILE B 146 16.79 3.53 -43.74
N MET B 147 16.32 3.91 -42.56
CA MET B 147 15.79 2.95 -41.55
C MET B 147 14.51 2.24 -42.04
N LYS B 148 13.84 2.84 -43.03
CA LYS B 148 12.72 2.21 -43.73
C LYS B 148 13.19 1.15 -44.77
N ASN B 149 14.47 1.16 -45.09
CA ASN B 149 15.10 0.22 -46.04
C ASN B 149 16.08 -0.75 -45.35
N SER B 161 15.25 -4.29 -30.41
CA SER B 161 16.52 -3.82 -29.87
C SER B 161 16.37 -3.11 -28.52
N TYR B 162 17.25 -3.46 -27.57
CA TYR B 162 17.41 -2.74 -26.32
C TYR B 162 18.74 -2.00 -26.31
N PHE B 163 18.73 -0.77 -25.84
CA PHE B 163 19.94 0.06 -25.79
C PHE B 163 20.30 0.44 -24.34
N TYR B 164 21.61 0.45 -24.02
CA TYR B 164 22.13 0.87 -22.71
C TYR B 164 22.96 2.12 -22.81
N ASN B 165 22.45 3.19 -22.19
CA ASN B 165 22.92 4.55 -22.40
C ASN B 165 23.45 5.25 -21.14
N LEU B 166 24.42 6.13 -21.32
CA LEU B 166 25.09 6.81 -20.24
C LEU B 166 25.80 8.01 -20.81
N THR B 167 25.63 9.17 -20.18
CA THR B 167 26.46 10.33 -20.49
C THR B 167 27.55 10.60 -19.45
N VAL B 168 28.56 11.37 -19.87
CA VAL B 168 29.75 11.67 -19.08
C VAL B 168 30.23 13.07 -19.43
N VAL B 169 30.78 13.77 -18.45
CA VAL B 169 31.45 15.04 -18.74
C VAL B 169 32.94 14.82 -18.54
N VAL B 170 33.73 15.27 -19.51
CA VAL B 170 35.19 15.13 -19.47
C VAL B 170 35.83 16.49 -19.43
N LYS B 171 36.63 16.73 -18.39
CA LYS B 171 37.58 17.86 -18.35
C LYS B 171 38.77 17.38 -19.18
N THR B 172 38.83 17.83 -20.43
CA THR B 172 39.74 17.22 -21.43
C THR B 172 40.98 18.05 -21.79
N PHE B 173 42.07 17.33 -22.01
CA PHE B 173 43.33 17.94 -22.41
C PHE B 173 43.49 18.00 -23.92
N VAL B 174 42.61 17.31 -24.64
CA VAL B 174 42.55 17.31 -26.11
C VAL B 174 42.11 18.67 -26.63
N ASN B 175 42.64 19.08 -27.78
CA ASN B 175 42.54 20.48 -28.25
C ASN B 175 41.21 20.87 -28.92
N ASP B 176 40.58 19.91 -29.59
CA ASP B 176 39.47 20.16 -30.52
C ASP B 176 38.57 18.91 -30.67
N PRO B 177 37.27 19.11 -31.05
CA PRO B 177 36.33 17.98 -31.19
C PRO B 177 36.81 16.82 -32.10
N LEU B 178 37.53 17.16 -33.18
CA LEU B 178 37.93 16.15 -34.18
C LEU B 178 39.02 15.23 -33.68
N SER B 179 40.06 15.80 -33.05
CA SER B 179 41.12 15.01 -32.40
C SER B 179 40.50 14.07 -31.38
N MET B 180 39.54 14.59 -30.61
CA MET B 180 38.83 13.78 -29.63
C MET B 180 38.08 12.63 -30.30
N LEU B 181 37.44 12.93 -31.43
CA LEU B 181 36.75 11.90 -32.21
C LEU B 181 37.72 10.85 -32.74
N VAL B 182 38.92 11.28 -33.16
CA VAL B 182 39.98 10.35 -33.61
C VAL B 182 40.34 9.40 -32.45
N VAL B 183 40.57 9.95 -31.26
CA VAL B 183 40.88 9.11 -30.07
C VAL B 183 39.68 8.22 -29.68
N ILE B 184 38.49 8.82 -29.61
CA ILE B 184 37.23 8.09 -29.39
C ILE B 184 37.17 6.88 -30.33
N LYS B 185 37.46 7.12 -31.62
CA LYS B 185 37.46 6.07 -32.65
C LYS B 185 38.46 4.96 -32.37
N TYR B 186 39.67 5.34 -31.94
CA TYR B 186 40.70 4.40 -31.49
C TYR B 186 40.22 3.58 -30.26
N ILE B 187 39.67 4.28 -29.26
CA ILE B 187 39.06 3.63 -28.08
C ILE B 187 38.03 2.57 -28.50
N GLU B 188 37.15 2.93 -29.45
CA GLU B 188 36.16 2.00 -30.00
C GLU B 188 36.81 0.78 -30.64
N GLU B 189 37.82 1.01 -31.48
CA GLU B 189 38.53 -0.06 -32.21
C GLU B 189 39.31 -1.02 -31.30
N LEU B 190 39.84 -0.49 -30.18
CA LEU B 190 40.48 -1.31 -29.13
C LEU B 190 39.50 -2.30 -28.49
N MET B 191 38.23 -1.91 -28.45
CA MET B 191 37.16 -2.69 -27.84
C MET B 191 36.45 -3.63 -28.83
N LYS B 192 36.33 -3.18 -30.08
CA LYS B 192 35.81 -3.98 -31.19
C LYS B 192 36.86 -4.96 -31.72
N ARG B 205 29.14 -3.07 -33.17
CA ARG B 205 28.10 -2.33 -32.43
C ARG B 205 28.18 -2.58 -30.91
N ILE B 206 29.31 -3.11 -30.45
CA ILE B 206 29.50 -3.40 -29.02
C ILE B 206 29.70 -2.14 -28.16
N ILE B 207 30.18 -1.04 -28.76
CA ILE B 207 30.33 0.26 -28.09
C ILE B 207 30.24 1.41 -29.11
N ASP B 208 29.43 2.41 -28.78
CA ASP B 208 29.32 3.64 -29.58
C ASP B 208 29.49 4.87 -28.69
N ILE B 209 30.59 5.58 -28.91
CA ILE B 209 30.92 6.79 -28.15
C ILE B 209 30.80 8.02 -29.04
N ASP B 210 29.92 8.94 -28.64
CA ASP B 210 29.68 10.17 -29.38
C ASP B 210 30.10 11.37 -28.58
N ILE B 211 30.29 12.50 -29.27
CA ILE B 211 30.51 13.78 -28.65
C ILE B 211 29.22 14.55 -28.82
N LEU B 212 28.69 15.06 -27.72
CA LEU B 212 27.43 15.79 -27.72
C LEU B 212 27.70 17.26 -27.62
N PHE B 213 28.68 17.63 -26.81
CA PHE B 213 29.09 19.02 -26.68
C PHE B 213 30.61 19.09 -26.57
N PHE B 214 31.16 20.25 -26.97
CA PHE B 214 32.58 20.54 -26.81
C PHE B 214 32.66 22.04 -26.66
N ASN B 215 32.76 22.49 -25.41
CA ASN B 215 32.59 23.90 -25.04
C ASN B 215 31.30 24.42 -25.65
N ASP B 216 31.28 25.72 -25.99
CA ASP B 216 30.08 26.36 -26.52
C ASP B 216 30.04 26.44 -28.07
N PHE B 217 30.95 25.69 -28.71
CA PHE B 217 31.12 25.70 -30.16
C PHE B 217 29.88 25.22 -30.90
N THR B 218 29.74 25.70 -32.12
CA THR B 218 28.77 25.18 -33.07
C THR B 218 29.53 24.77 -34.32
N ILE B 219 29.55 23.47 -34.61
CA ILE B 219 30.39 22.91 -35.68
C ILE B 219 29.62 21.93 -36.58
N PHE B 220 29.70 22.14 -37.89
CA PHE B 220 29.35 21.12 -38.87
C PHE B 220 30.42 21.03 -39.97
N MET B 221 31.13 19.90 -40.00
CA MET B 221 32.20 19.66 -40.98
C MET B 221 31.80 18.54 -41.93
N LYS B 222 31.68 18.92 -43.21
CA LYS B 222 30.91 18.16 -44.22
C LYS B 222 31.54 16.86 -44.74
N ASN B 223 32.72 16.97 -45.37
CA ASN B 223 33.37 15.85 -46.03
C ASN B 223 34.78 15.67 -45.50
N ILE B 224 35.00 14.58 -44.77
CA ILE B 224 36.27 14.40 -44.07
C ILE B 224 37.11 13.28 -44.68
N LYS B 225 38.19 13.73 -45.33
CA LYS B 225 39.22 12.89 -45.88
C LYS B 225 40.39 13.01 -44.91
N LEU B 226 40.76 11.89 -44.30
CA LEU B 226 41.87 11.86 -43.33
C LEU B 226 42.98 10.96 -43.85
N GLU B 227 44.21 11.47 -43.78
CA GLU B 227 45.38 10.67 -44.11
C GLU B 227 45.76 9.81 -42.89
N LYS B 228 46.02 8.51 -43.15
CA LYS B 228 46.49 7.54 -42.14
C LYS B 228 47.73 8.01 -41.36
N ASN B 229 48.42 9.02 -41.89
CA ASN B 229 49.58 9.65 -41.26
C ASN B 229 49.19 10.83 -40.37
N MET B 230 48.12 11.54 -40.75
CA MET B 230 47.58 12.65 -39.94
C MET B 230 46.88 12.11 -38.67
N ILE B 231 46.24 10.95 -38.82
CA ILE B 231 45.62 10.20 -37.72
C ILE B 231 46.67 9.77 -36.68
N TYR B 232 47.77 9.18 -37.18
CA TYR B 232 48.93 8.77 -36.37
C TYR B 232 49.52 9.92 -35.55
N LYS B 233 49.66 11.10 -36.17
CA LYS B 233 50.21 12.29 -35.53
C LYS B 233 49.31 12.82 -34.41
N ILE B 234 47.99 12.73 -34.63
CA ILE B 234 46.97 13.05 -33.61
C ILE B 234 47.03 12.04 -32.46
N LEU B 235 47.03 10.75 -32.79
CA LEU B 235 47.13 9.70 -31.78
C LEU B 235 48.42 9.75 -30.97
N SER B 236 49.55 10.03 -31.64
CA SER B 236 50.86 10.11 -30.99
C SER B 236 51.01 11.40 -30.17
N LYS B 237 50.13 12.37 -30.40
CA LYS B 237 50.07 13.60 -29.61
C LYS B 237 49.55 13.32 -28.18
N TYR B 238 48.86 12.19 -28.00
CA TYR B 238 48.20 11.86 -26.73
C TYR B 238 48.55 10.48 -26.16
N ILE B 239 48.99 9.55 -27.02
CA ILE B 239 49.29 8.16 -26.63
C ILE B 239 50.74 7.76 -26.99
N HIS B 240 51.38 7.01 -26.08
CA HIS B 240 52.64 6.32 -26.32
C HIS B 240 52.43 5.10 -27.22
N LEU B 241 52.41 5.35 -28.54
CA LEU B 241 52.18 4.31 -29.56
C LEU B 241 53.32 3.30 -29.69
N ASP B 301 46.86 -5.89 -36.61
CA ASP B 301 47.96 -4.93 -36.46
C ASP B 301 47.45 -3.52 -36.09
N PRO B 302 48.20 -2.79 -35.22
CA PRO B 302 48.01 -1.35 -34.92
C PRO B 302 47.96 -0.39 -36.15
N GLN B 303 48.01 -0.95 -37.36
CA GLN B 303 47.79 -0.21 -38.62
C GLN B 303 46.39 -0.46 -39.21
N GLU B 304 45.91 -1.71 -39.11
CA GLU B 304 44.55 -2.09 -39.52
C GLU B 304 43.49 -1.29 -38.76
N ILE B 305 43.80 -0.98 -37.49
CA ILE B 305 43.06 -0.03 -36.66
C ILE B 305 42.92 1.33 -37.36
N ILE B 306 44.04 1.87 -37.83
CA ILE B 306 44.09 3.17 -38.51
C ILE B 306 43.30 3.16 -39.84
N ASN B 307 43.45 2.08 -40.60
CA ASN B 307 42.77 1.88 -41.89
C ASN B 307 41.25 1.83 -41.73
N ASN B 308 40.81 1.23 -40.63
CA ASN B 308 39.38 1.21 -40.26
C ASN B 308 38.83 2.61 -39.96
N MET B 309 39.68 3.49 -39.45
CA MET B 309 39.27 4.82 -39.00
C MET B 309 38.96 5.82 -40.13
N VAL B 310 39.68 5.72 -41.24
CA VAL B 310 39.49 6.64 -42.39
C VAL B 310 38.05 6.63 -42.93
N ASP B 311 37.47 5.43 -43.03
CA ASP B 311 36.09 5.21 -43.45
C ASP B 311 35.10 5.69 -42.40
N ASN B 312 35.50 5.57 -41.14
CA ASN B 312 34.63 5.83 -39.99
C ASN B 312 34.27 7.29 -39.79
N ILE B 313 35.26 8.18 -39.72
CA ILE B 313 35.00 9.62 -39.57
C ILE B 313 34.64 10.23 -40.93
N GLU B 314 33.35 10.23 -41.23
CA GLU B 314 32.83 10.85 -42.45
C GLU B 314 32.58 12.35 -42.22
N PHE B 315 31.96 12.69 -41.09
CA PHE B 315 31.67 14.09 -40.73
C PHE B 315 31.75 14.34 -39.21
N LEU B 316 31.55 15.59 -38.80
CA LEU B 316 31.61 16.01 -37.40
C LEU B 316 30.62 17.14 -37.04
N SER B 317 29.80 16.85 -36.03
CA SER B 317 28.70 17.73 -35.64
C SER B 317 28.74 18.05 -34.13
N ILE B 318 28.89 19.34 -33.81
CA ILE B 318 28.86 19.84 -32.42
C ILE B 318 27.82 20.98 -32.32
N PRO B 319 26.78 20.84 -31.50
CA PRO B 319 26.44 19.62 -30.76
C PRO B 319 26.09 18.45 -31.68
N HIS B 320 26.18 17.22 -31.20
CA HIS B 320 25.74 16.02 -31.94
C HIS B 320 24.37 16.27 -32.59
N VAL B 321 24.20 15.65 -33.75
CA VAL B 321 22.95 15.76 -34.53
C VAL B 321 21.75 15.46 -33.63
N TYR B 322 21.77 14.29 -33.00
CA TYR B 322 20.61 13.76 -32.29
C TYR B 322 20.33 14.28 -30.85
N THR B 323 21.19 15.19 -30.37
CA THR B 323 21.16 15.76 -29.01
C THR B 323 19.77 16.05 -28.44
N THR B 324 18.93 16.76 -29.19
CA THR B 324 17.59 17.09 -28.69
C THR B 324 16.47 16.27 -29.33
N HIS B 325 16.84 15.37 -30.24
CA HIS B 325 15.84 14.62 -30.99
C HIS B 325 15.63 13.26 -30.34
N ARG B 326 16.70 12.66 -29.85
CA ARG B 326 16.64 11.36 -29.20
C ARG B 326 16.36 11.54 -27.70
N TYR B 327 15.22 11.00 -27.23
CA TYR B 327 14.82 11.10 -25.81
C TYR B 327 15.91 10.62 -24.86
N SER B 328 16.49 9.46 -25.17
CA SER B 328 17.55 8.85 -24.38
C SER B 328 18.69 9.82 -24.06
N ILE B 329 19.11 10.64 -25.03
CA ILE B 329 20.15 11.63 -24.78
C ILE B 329 19.66 12.70 -23.80
N LEU B 330 18.51 13.34 -24.08
CA LEU B 330 17.93 14.32 -23.12
C LEU B 330 17.80 13.73 -21.69
N LEU B 331 17.28 12.50 -21.61
CA LEU B 331 17.18 11.73 -20.40
C LEU B 331 18.48 11.68 -19.57
N CYS B 332 19.59 11.30 -20.23
CA CYS B 332 20.91 11.32 -19.61
C CYS B 332 21.40 12.71 -19.21
N LEU B 333 21.31 13.67 -20.14
CA LEU B 333 21.77 15.04 -19.89
C LEU B 333 20.98 15.75 -18.79
N ASN B 334 19.73 15.34 -18.59
CA ASN B 334 18.88 15.91 -17.53
C ASN B 334 19.37 15.61 -16.09
N ASP B 335 20.10 14.51 -15.92
CA ASP B 335 20.75 14.15 -14.68
C ASP B 335 21.94 15.04 -14.41
N MET B 336 22.66 15.42 -15.46
CA MET B 336 23.97 16.04 -15.32
C MET B 336 23.91 17.55 -15.37
N ILE B 337 23.28 18.06 -16.42
CA ILE B 337 23.36 19.47 -16.74
C ILE B 337 21.97 20.04 -17.05
N PRO B 338 21.03 19.93 -16.08
CA PRO B 338 19.66 20.34 -16.38
C PRO B 338 19.51 21.79 -16.81
N GLU B 339 20.33 22.69 -16.26
CA GLU B 339 20.16 24.14 -16.46
C GLU B 339 20.92 24.69 -17.66
N TYR B 340 21.70 23.82 -18.30
CA TYR B 340 22.57 24.20 -19.42
C TYR B 340 21.79 24.61 -20.67
N LYS B 341 22.20 25.73 -21.28
CA LYS B 341 21.65 26.18 -22.55
C LYS B 341 22.71 26.49 -23.59
N HIS B 342 22.80 25.64 -24.60
CA HIS B 342 23.59 25.91 -25.79
C HIS B 342 22.89 26.98 -26.64
N ASN B 343 23.68 27.68 -27.47
CA ASN B 343 23.17 28.73 -28.39
C ASN B 343 22.21 28.16 -29.45
N VAL B 344 22.45 26.89 -29.78
CA VAL B 344 21.74 26.12 -30.77
C VAL B 344 20.37 25.59 -30.30
N LEU B 345 20.20 25.48 -28.97
CA LEU B 345 18.95 24.96 -28.39
C LEU B 345 17.97 26.08 -28.03
N ASN B 346 16.67 25.76 -28.09
CA ASN B 346 15.63 26.74 -27.80
C ASN B 346 15.50 27.05 -26.32
N ASN B 347 15.81 26.05 -25.49
CA ASN B 347 15.65 26.14 -24.04
C ASN B 347 16.70 25.29 -23.32
N THR B 348 16.69 25.34 -21.99
CA THR B 348 17.59 24.53 -21.14
C THR B 348 17.27 23.05 -21.26
N ILE B 349 18.27 22.22 -20.99
CA ILE B 349 18.16 20.76 -21.07
C ILE B 349 16.96 20.17 -20.31
N ARG B 350 16.80 20.54 -19.03
CA ARG B 350 15.60 20.21 -18.26
C ARG B 350 14.28 20.63 -18.94
N CYS B 351 14.24 21.85 -19.47
CA CYS B 351 13.02 22.33 -20.10
C CYS B 351 12.69 21.57 -21.36
N LEU B 352 13.73 21.27 -22.15
CA LEU B 352 13.61 20.41 -23.32
C LEU B 352 13.16 19.01 -22.96
N TYR B 353 13.80 18.41 -21.94
CA TYR B 353 13.44 17.09 -21.44
C TYR B 353 11.96 17.02 -21.01
N ASN B 354 11.49 17.99 -20.21
CA ASN B 354 10.09 18.03 -19.74
C ASN B 354 9.06 18.16 -20.87
N LYS B 355 9.37 19.01 -21.86
CA LYS B 355 8.54 19.20 -23.05
C LYS B 355 8.38 17.91 -23.81
N TYR B 356 9.47 17.17 -23.96
CA TYR B 356 9.44 15.89 -24.65
C TYR B 356 8.47 14.93 -23.97
N VAL B 357 8.63 14.77 -22.65
CA VAL B 357 7.78 13.92 -21.81
C VAL B 357 6.30 14.30 -21.93
N SER B 358 6.00 15.58 -21.71
CA SER B 358 4.62 16.08 -21.78
C SER B 358 4.00 15.98 -23.20
N ARG B 359 4.75 16.39 -24.22
CA ARG B 359 4.30 16.28 -25.62
C ARG B 359 4.02 14.83 -26.05
N MET B 360 4.87 13.89 -25.66
CA MET B 360 4.66 12.45 -25.92
C MET B 360 3.39 11.96 -25.25
N LYS B 361 3.06 12.53 -24.10
CA LYS B 361 1.82 12.26 -23.36
C LYS B 361 0.59 12.87 -24.03
N GLU B 362 0.64 14.17 -24.35
CA GLU B 362 -0.48 14.90 -24.93
C GLU B 362 -0.88 14.42 -26.33
N GLN B 363 0.13 14.08 -27.15
CA GLN B 363 -0.07 13.89 -28.58
C GLN B 363 -0.15 12.44 -29.03
N TYR B 364 0.56 11.54 -28.34
CA TYR B 364 0.51 10.12 -28.70
C TYR B 364 -0.04 9.22 -27.60
N ASN B 365 -0.41 9.82 -26.47
CA ASN B 365 -0.86 9.12 -25.25
C ASN B 365 0.12 8.03 -24.75
N ILE B 366 1.41 8.33 -24.90
CA ILE B 366 2.52 7.46 -24.49
C ILE B 366 3.16 8.04 -23.22
N ASN B 367 3.40 7.19 -22.22
CA ASN B 367 4.23 7.56 -21.06
C ASN B 367 5.66 7.12 -21.33
N ILE B 368 6.47 8.07 -21.79
CA ILE B 368 7.82 7.78 -22.29
C ILE B 368 8.77 7.30 -21.17
N LYS B 369 8.45 7.65 -19.92
CA LYS B 369 9.22 7.23 -18.75
C LYS B 369 9.17 5.71 -18.57
N GLU B 370 7.96 5.14 -18.69
CA GLU B 370 7.68 3.71 -18.53
C GLU B 370 8.53 2.77 -19.36
N ASN B 371 8.89 3.18 -20.58
CA ASN B 371 9.64 2.30 -21.49
C ASN B 371 11.16 2.51 -21.34
N ASN B 372 11.55 3.52 -20.55
CA ASN B 372 12.94 3.96 -20.44
C ASN B 372 13.45 3.94 -19.00
N LYS B 373 14.01 2.80 -18.60
CA LYS B 373 14.31 2.51 -17.19
C LYS B 373 15.67 3.00 -16.70
N ARG B 374 15.64 3.69 -15.56
CA ARG B 374 16.84 4.09 -14.83
C ARG B 374 17.47 2.87 -14.16
N ILE B 375 18.80 2.75 -14.28
CA ILE B 375 19.56 1.63 -13.72
C ILE B 375 20.49 2.10 -12.60
N TYR B 376 20.60 1.29 -11.55
CA TYR B 376 21.73 1.40 -10.61
C TYR B 376 22.50 0.08 -10.63
N VAL B 377 23.76 0.13 -10.18
CA VAL B 377 24.62 -1.04 -10.20
C VAL B 377 25.16 -1.35 -8.80
N LEU B 378 24.89 -2.55 -8.30
CA LEU B 378 25.38 -2.95 -6.99
C LEU B 378 26.77 -3.54 -7.07
N LYS B 379 27.03 -4.32 -8.14
CA LYS B 379 28.29 -5.03 -8.30
C LYS B 379 28.73 -4.98 -9.75
N ASP B 380 28.26 -5.94 -10.54
CA ASP B 380 28.64 -6.07 -11.94
C ASP B 380 27.45 -6.17 -12.91
N ARG B 381 26.24 -6.29 -12.35
CA ARG B 381 25.00 -6.51 -13.11
C ARG B 381 24.04 -5.32 -13.02
N ILE B 382 23.08 -5.28 -13.94
CA ILE B 382 22.06 -4.23 -14.03
C ILE B 382 20.97 -4.43 -12.98
N SER B 383 20.66 -3.38 -12.23
CA SER B 383 19.45 -3.33 -11.39
C SER B 383 18.55 -2.20 -11.86
N TYR B 384 17.26 -2.48 -12.01
CA TYR B 384 16.30 -1.45 -12.42
C TYR B 384 15.75 -0.74 -11.21
N LEU B 385 16.01 0.56 -11.15
CA LEU B 385 15.52 1.42 -10.09
C LEU B 385 14.05 1.21 -9.76
N LYS B 386 13.78 0.97 -8.49
CA LYS B 386 12.44 0.84 -7.95
C LYS B 386 11.70 -0.41 -8.39
N GLU B 387 12.40 -1.36 -8.99
CA GLU B 387 11.78 -2.62 -9.42
C GLU B 387 11.90 -3.83 -8.50
N LYS B 388 12.71 -3.73 -7.45
CA LYS B 388 12.90 -4.81 -6.50
C LYS B 388 13.37 -4.29 -5.14
N THR B 389 12.76 -4.77 -4.06
CA THR B 389 13.26 -4.54 -2.72
C THR B 389 14.21 -5.69 -2.33
N ASN B 390 15.49 -5.37 -2.19
CA ASN B 390 16.54 -6.33 -1.91
C ASN B 390 16.82 -6.40 -0.45
N ILE B 391 17.05 -7.61 0.04
CA ILE B 391 17.38 -7.83 1.44
C ILE B 391 18.89 -7.83 1.59
N VAL B 392 19.35 -6.95 2.49
CA VAL B 392 20.73 -6.87 2.89
C VAL B 392 20.81 -7.51 4.26
N GLY B 393 21.55 -8.61 4.35
CA GLY B 393 21.76 -9.31 5.65
C GLY B 393 22.84 -8.65 6.50
N ILE B 394 22.51 -8.40 7.77
CA ILE B 394 23.43 -7.78 8.71
C ILE B 394 24.31 -8.85 9.37
N LEU B 395 25.62 -8.62 9.31
CA LEU B 395 26.60 -9.41 10.04
C LEU B 395 27.48 -8.44 10.84
N ASN B 396 27.08 -8.22 12.08
CA ASN B 396 27.86 -7.46 13.04
C ASN B 396 28.79 -8.41 13.80
N VAL B 397 30.09 -8.36 13.49
CA VAL B 397 31.08 -9.26 14.12
C VAL B 397 31.21 -9.09 15.66
N ASN B 398 31.28 -7.85 16.15
CA ASN B 398 31.18 -7.58 17.60
C ASN B 398 30.01 -8.28 18.31
N TYR B 399 28.79 -8.11 17.77
CA TYR B 399 27.59 -8.72 18.35
C TYR B 399 27.68 -10.24 18.31
N ASP B 400 28.15 -10.76 17.17
CA ASP B 400 28.33 -12.20 16.94
C ASP B 400 29.25 -12.84 17.98
N SER B 401 30.19 -12.05 18.52
CA SER B 401 31.31 -12.55 19.33
C SER B 401 31.21 -12.23 20.82
N PHE B 402 30.95 -10.96 21.15
CA PHE B 402 31.11 -10.44 22.52
C PHE B 402 29.83 -10.25 23.34
N SER B 403 28.67 -10.22 22.67
CA SER B 403 27.37 -9.91 23.32
C SER B 403 26.84 -11.01 24.25
N ASP B 404 27.30 -12.25 24.05
CA ASP B 404 26.98 -13.38 24.94
C ASP B 404 27.92 -13.49 26.17
N GLY B 405 28.99 -12.68 26.17
CA GLY B 405 29.98 -12.66 27.24
C GLY B 405 31.39 -13.10 26.86
N GLY B 406 31.51 -13.76 25.70
CA GLY B 406 32.78 -14.28 25.18
C GLY B 406 33.83 -13.21 24.92
N ILE B 407 35.08 -13.63 24.75
CA ILE B 407 36.19 -12.68 24.55
C ILE B 407 37.00 -12.91 23.28
N PHE B 408 36.68 -13.98 22.55
CA PHE B 408 37.38 -14.27 21.31
C PHE B 408 36.47 -14.13 20.08
N VAL B 409 37.06 -13.70 18.98
CA VAL B 409 36.40 -13.70 17.67
C VAL B 409 36.34 -15.14 17.13
N GLU B 410 35.18 -15.52 16.62
CA GLU B 410 35.02 -16.84 15.99
C GLU B 410 34.62 -16.72 14.51
N PRO B 411 35.61 -16.66 13.60
CA PRO B 411 35.32 -16.47 12.18
C PRO B 411 34.43 -17.56 11.58
N LYS B 412 34.53 -18.79 12.11
CA LYS B 412 33.71 -19.90 11.63
C LYS B 412 32.24 -19.62 11.90
N ARG B 413 31.89 -19.26 13.14
CA ARG B 413 30.52 -18.94 13.55
C ARG B 413 29.96 -17.77 12.72
N ALA B 414 30.81 -16.78 12.48
CA ALA B 414 30.47 -15.65 11.65
C ALA B 414 30.17 -16.09 10.21
N VAL B 415 31.03 -16.92 9.62
CA VAL B 415 30.78 -17.45 8.27
C VAL B 415 29.57 -18.41 8.17
N GLN B 416 29.26 -19.12 9.26
CA GLN B 416 28.04 -19.94 9.33
C GLN B 416 26.81 -19.05 9.10
N ARG B 417 26.78 -17.91 9.81
CA ARG B 417 25.73 -16.90 9.73
C ARG B 417 25.62 -16.31 8.32
N MET B 418 26.75 -16.10 7.66
CA MET B 418 26.77 -15.61 6.29
C MET B 418 26.06 -16.56 5.35
N PHE B 419 26.35 -17.85 5.48
CA PHE B 419 25.69 -18.89 4.68
C PHE B 419 24.21 -19.05 5.06
N GLU B 420 23.90 -19.04 6.35
CA GLU B 420 22.52 -19.04 6.82
C GLU B 420 21.67 -17.91 6.17
N MET B 421 22.29 -16.75 5.91
CA MET B 421 21.61 -15.60 5.32
C MET B 421 21.41 -15.76 3.82
N ILE B 422 22.45 -16.23 3.14
CA ILE B 422 22.37 -16.57 1.71
C ILE B 422 21.23 -17.57 1.46
N ASN B 423 21.09 -18.56 2.34
CA ASN B 423 20.05 -19.56 2.19
C ASN B 423 18.68 -19.02 2.58
N GLU B 424 18.67 -18.07 3.51
CA GLU B 424 17.45 -17.44 3.95
C GLU B 424 16.97 -16.38 2.93
N GLY B 425 17.78 -16.11 1.90
CA GLY B 425 17.36 -15.19 0.83
C GLY B 425 17.98 -13.78 0.73
N ALA B 426 19.03 -13.46 1.48
CA ALA B 426 19.76 -12.19 1.28
C ALA B 426 20.48 -12.11 -0.08
N SER B 427 20.49 -10.92 -0.69
CA SER B 427 21.22 -10.70 -1.96
C SER B 427 22.54 -9.97 -1.69
N VAL B 428 22.57 -9.28 -0.55
CA VAL B 428 23.71 -8.51 -0.14
C VAL B 428 23.96 -8.90 1.31
N ILE B 429 25.23 -9.00 1.69
CA ILE B 429 25.60 -9.12 3.11
C ILE B 429 26.40 -7.87 3.49
N ASP B 430 25.95 -7.21 4.56
CA ASP B 430 26.60 -6.05 5.15
C ASP B 430 27.37 -6.49 6.40
N ILE B 431 28.70 -6.49 6.28
CA ILE B 431 29.60 -6.92 7.36
C ILE B 431 30.23 -5.71 8.05
N GLY B 432 30.20 -5.68 9.38
CA GLY B 432 30.85 -4.62 10.14
C GLY B 432 31.44 -5.04 11.47
N GLY B 433 32.52 -4.34 11.84
CA GLY B 433 33.03 -4.33 13.20
C GLY B 433 33.44 -2.94 13.68
N GLU B 434 33.54 -2.78 15.00
CA GLU B 434 34.17 -1.60 15.62
C GLU B 434 35.28 -2.08 16.57
N SER B 435 36.33 -1.26 16.74
CA SER B 435 37.38 -1.51 17.73
C SER B 435 36.76 -1.53 19.13
N SER B 436 36.77 -2.69 19.78
CA SER B 436 36.17 -2.84 21.11
C SER B 436 37.08 -3.54 22.12
N ALA B 437 36.94 -3.10 23.37
CA ALA B 437 37.62 -3.66 24.52
C ALA B 437 36.72 -4.70 25.23
N PRO B 438 36.95 -6.02 24.96
CA PRO B 438 36.06 -7.10 25.43
C PRO B 438 36.20 -7.55 26.92
N PHE B 439 37.08 -6.89 27.67
CA PHE B 439 37.20 -7.10 29.13
C PHE B 439 36.59 -5.93 29.92
N VAL B 440 36.61 -6.02 31.24
CA VAL B 440 36.14 -4.96 32.15
C VAL B 440 36.96 -3.66 32.00
N ILE B 441 38.28 -3.74 32.23
CA ILE B 441 39.21 -2.64 31.93
C ILE B 441 39.39 -2.59 30.41
N PRO B 442 39.48 -1.37 29.80
CA PRO B 442 39.81 -1.29 28.37
C PRO B 442 41.27 -1.67 28.01
N ASN B 443 41.86 -2.61 28.76
CA ASN B 443 43.30 -2.92 28.72
C ASN B 443 43.80 -3.53 27.39
N PRO B 444 43.43 -4.80 27.07
CA PRO B 444 43.63 -5.17 25.66
C PRO B 444 42.34 -4.99 24.85
N LYS B 445 42.51 -4.65 23.57
CA LYS B 445 41.37 -4.55 22.64
C LYS B 445 41.71 -5.12 21.27
N ILE B 446 40.66 -5.49 20.52
CA ILE B 446 40.82 -6.06 19.18
C ILE B 446 40.36 -5.05 18.10
N SER B 447 41.18 -4.87 17.08
CA SER B 447 40.94 -3.85 16.04
C SER B 447 39.83 -4.25 15.06
N GLU B 448 39.29 -3.26 14.35
CA GLU B 448 38.31 -3.49 13.28
C GLU B 448 38.89 -4.37 12.16
N ARG B 449 40.10 -4.08 11.72
CA ARG B 449 40.77 -4.93 10.76
C ARG B 449 40.74 -6.43 11.19
N ASP B 450 41.07 -6.71 12.46
CA ASP B 450 41.12 -8.08 13.00
C ASP B 450 39.73 -8.70 13.17
N LEU B 451 38.72 -7.86 13.35
CA LEU B 451 37.34 -8.34 13.41
C LEU B 451 36.82 -8.73 12.03
N VAL B 452 37.10 -7.91 11.02
CA VAL B 452 36.40 -8.06 9.74
C VAL B 452 37.16 -8.83 8.69
N VAL B 453 38.44 -8.50 8.46
CA VAL B 453 39.20 -9.16 7.38
C VAL B 453 39.33 -10.71 7.50
N PRO B 454 39.66 -11.27 8.70
CA PRO B 454 39.64 -12.74 8.78
C PRO B 454 38.31 -13.36 8.35
N VAL B 455 37.21 -12.83 8.88
CA VAL B 455 35.85 -13.30 8.51
C VAL B 455 35.61 -13.19 7.01
N LEU B 456 36.05 -12.09 6.41
CA LEU B 456 35.88 -11.93 4.97
C LEU B 456 36.74 -12.93 4.21
N GLN B 457 37.95 -13.16 4.69
CA GLN B 457 38.90 -14.11 4.08
C GLN B 457 38.40 -15.55 4.11
N LEU B 458 37.87 -15.95 5.26
CA LEU B 458 37.31 -17.29 5.43
C LEU B 458 36.07 -17.50 4.55
N PHE B 459 35.14 -16.53 4.57
CA PHE B 459 33.97 -16.58 3.68
C PHE B 459 34.35 -16.79 2.21
N GLN B 460 35.36 -16.05 1.73
CA GLN B 460 35.84 -16.16 0.36
C GLN B 460 36.45 -17.54 0.08
N LYS B 461 37.12 -18.11 1.07
CA LYS B 461 37.71 -19.44 0.96
C LYS B 461 36.61 -20.49 0.96
N GLU B 462 35.70 -20.40 1.94
CA GLU B 462 34.58 -21.32 2.09
C GLU B 462 33.64 -21.28 0.87
N TRP B 463 33.53 -20.11 0.22
CA TRP B 463 32.73 -19.95 -0.99
C TRP B 463 33.36 -20.72 -2.14
N ASN B 464 34.64 -20.51 -2.38
CA ASN B 464 35.36 -21.15 -3.47
C ASN B 464 35.50 -22.69 -3.36
N ASP B 465 35.16 -23.24 -2.19
CA ASP B 465 35.16 -24.68 -1.97
C ASP B 465 33.80 -25.32 -2.28
N ILE B 466 32.76 -24.93 -1.53
CA ILE B 466 31.40 -25.52 -1.67
C ILE B 466 30.75 -25.23 -3.04
N LYS B 467 31.23 -24.16 -3.70
CA LYS B 467 31.13 -24.00 -5.14
C LYS B 467 32.09 -25.03 -5.75
N ASN B 468 31.50 -26.15 -6.17
CA ASN B 468 32.18 -27.23 -6.91
C ASN B 468 31.69 -27.31 -8.36
N LYS B 469 30.37 -27.12 -8.51
CA LYS B 469 29.72 -26.92 -9.82
C LYS B 469 29.98 -25.49 -10.34
N ILE B 470 30.01 -25.34 -11.66
CA ILE B 470 30.14 -24.02 -12.33
C ILE B 470 28.85 -23.16 -12.16
N VAL B 471 27.69 -23.83 -12.02
CA VAL B 471 26.34 -23.21 -11.93
C VAL B 471 26.10 -22.36 -10.64
N LYS B 472 26.51 -22.87 -9.47
CA LYS B 472 26.36 -22.14 -8.20
C LYS B 472 27.41 -21.01 -8.01
N CYS B 473 27.17 -19.91 -8.75
CA CYS B 473 27.94 -18.65 -8.67
C CYS B 473 27.01 -17.45 -8.94
N ASP B 474 25.86 -17.75 -9.57
CA ASP B 474 24.71 -16.83 -9.67
C ASP B 474 24.16 -16.52 -8.28
N ALA B 475 24.23 -17.53 -7.41
CA ALA B 475 23.80 -17.42 -6.02
C ALA B 475 24.78 -16.63 -5.12
N LYS B 476 25.80 -15.99 -5.71
CA LYS B 476 26.80 -15.28 -4.89
C LYS B 476 26.34 -13.91 -4.39
N PRO B 477 26.27 -13.75 -3.04
CA PRO B 477 25.77 -12.49 -2.54
C PRO B 477 26.81 -11.40 -2.78
N ILE B 478 26.31 -10.19 -3.02
CA ILE B 478 27.12 -9.00 -3.04
C ILE B 478 27.54 -8.77 -1.58
N ILE B 479 28.76 -8.27 -1.39
CA ILE B 479 29.35 -8.05 -0.08
C ILE B 479 29.56 -6.55 0.18
N SER B 480 28.95 -6.08 1.25
CA SER B 480 29.03 -4.68 1.67
C SER B 480 29.77 -4.61 3.00
N ILE B 481 30.69 -3.66 3.10
CA ILE B 481 31.41 -3.43 4.38
C ILE B 481 31.06 -2.07 5.05
N ASP B 482 30.44 -2.16 6.22
CA ASP B 482 30.15 -1.00 7.08
C ASP B 482 31.47 -0.53 7.68
N THR B 483 32.18 0.34 6.97
CA THR B 483 33.44 0.94 7.46
C THR B 483 33.56 2.44 7.08
N ILE B 484 34.31 3.19 7.87
CA ILE B 484 34.69 4.57 7.52
C ILE B 484 36.21 4.65 7.43
N ASN B 485 36.85 3.49 7.56
CA ASN B 485 38.30 3.36 7.63
C ASN B 485 38.93 2.99 6.29
N TYR B 486 39.66 3.96 5.76
CA TYR B 486 40.44 3.86 4.53
C TYR B 486 41.29 2.59 4.47
N ASN B 487 42.03 2.30 5.55
CA ASN B 487 42.91 1.14 5.59
C ASN B 487 42.17 -0.18 5.59
N VAL B 488 41.10 -0.28 6.39
CA VAL B 488 40.24 -1.46 6.38
C VAL B 488 39.71 -1.70 4.96
N PHE B 489 39.16 -0.65 4.33
CA PHE B 489 38.61 -0.79 2.99
C PHE B 489 39.64 -1.20 1.96
N LYS B 490 40.83 -0.60 2.01
CA LYS B 490 41.92 -0.91 1.06
C LYS B 490 42.33 -2.39 1.04
N GLU B 491 42.58 -2.97 2.21
CA GLU B 491 42.90 -4.39 2.33
C GLU B 491 41.77 -5.29 1.82
N CYS B 492 40.53 -4.84 2.01
CA CYS B 492 39.36 -5.57 1.54
C CYS B 492 39.31 -5.59 0.04
N VAL B 493 39.55 -4.42 -0.55
CA VAL B 493 39.45 -4.23 -1.99
C VAL B 493 40.65 -4.86 -2.72
N ASP B 494 41.83 -4.76 -2.13
CA ASP B 494 43.07 -5.31 -2.72
C ASP B 494 43.10 -6.83 -2.78
N ASN B 495 42.39 -7.46 -1.84
CA ASN B 495 42.30 -8.91 -1.73
C ASN B 495 40.94 -9.44 -2.20
N ASP B 496 40.25 -8.59 -2.97
CA ASP B 496 38.95 -8.84 -3.62
C ASP B 496 37.93 -9.46 -2.69
N LEU B 497 37.77 -8.83 -1.53
CA LEU B 497 36.95 -9.38 -0.46
C LEU B 497 35.57 -8.75 -0.38
N VAL B 498 35.42 -7.59 -1.03
CA VAL B 498 34.21 -6.75 -0.91
C VAL B 498 33.76 -6.14 -2.23
N ASP B 499 32.46 -5.80 -2.31
CA ASP B 499 31.86 -5.13 -3.49
C ASP B 499 31.46 -3.68 -3.24
N ILE B 500 30.92 -3.40 -2.05
CA ILE B 500 30.31 -2.10 -1.76
C ILE B 500 30.92 -1.51 -0.49
N LEU B 501 31.30 -0.24 -0.57
CA LEU B 501 31.56 0.58 0.62
C LEU B 501 30.26 1.14 1.22
N ASN B 502 29.95 0.76 2.46
CA ASN B 502 28.84 1.33 3.23
C ASN B 502 29.46 2.30 4.23
N ASP B 503 29.42 3.58 3.90
CA ASP B 503 30.08 4.62 4.70
C ASP B 503 29.07 5.47 5.46
N ILE B 504 28.98 5.25 6.77
CA ILE B 504 27.95 5.89 7.58
C ILE B 504 28.28 7.35 7.88
N SER B 505 29.42 7.81 7.41
CA SER B 505 29.75 9.23 7.54
C SER B 505 29.50 9.91 6.19
N ALA B 506 28.99 9.13 5.23
CA ALA B 506 28.80 9.60 3.85
C ALA B 506 30.12 10.12 3.28
N CYS B 507 31.20 9.40 3.59
CA CYS B 507 32.56 9.72 3.15
C CYS B 507 33.13 11.09 3.64
N THR B 508 32.72 11.50 4.83
CA THR B 508 33.19 12.73 5.42
C THR B 508 34.27 12.51 6.46
N ASN B 509 34.34 11.29 7.03
CA ASN B 509 35.44 10.89 7.92
C ASN B 509 36.78 10.90 7.21
N ASN B 510 36.82 10.38 6.00
CA ASN B 510 38.02 10.34 5.22
C ASN B 510 37.71 10.32 3.73
N PRO B 511 37.53 11.52 3.12
CA PRO B 511 37.10 11.63 1.74
C PRO B 511 37.99 10.87 0.79
N GLU B 512 39.20 10.54 1.22
CA GLU B 512 40.14 9.79 0.38
C GLU B 512 39.68 8.33 0.13
N ILE B 513 38.76 7.83 0.97
CA ILE B 513 38.18 6.48 0.80
C ILE B 513 37.52 6.32 -0.58
N ILE B 514 37.15 7.47 -1.16
CA ILE B 514 36.54 7.63 -2.48
C ILE B 514 37.47 7.20 -3.61
N LYS B 515 38.77 7.41 -3.42
CA LYS B 515 39.80 6.97 -4.39
C LYS B 515 39.84 5.45 -4.54
N LEU B 516 39.48 4.72 -3.49
CA LEU B 516 39.47 3.27 -3.48
C LEU B 516 38.24 2.66 -4.16
N LEU B 517 37.31 3.51 -4.60
CA LEU B 517 36.11 3.05 -5.31
C LEU B 517 36.37 2.89 -6.82
N LYS B 518 37.54 3.33 -7.28
CA LYS B 518 38.00 3.17 -8.66
C LYS B 518 39.36 2.48 -8.66
N LYS B 519 39.53 1.53 -9.56
CA LYS B 519 40.81 0.86 -9.71
C LYS B 519 41.40 1.28 -11.05
N LYS B 520 41.15 0.48 -12.09
CA LYS B 520 41.36 0.92 -13.47
C LYS B 520 40.06 0.58 -14.18
N ASN B 521 39.96 -0.69 -14.57
CA ASN B 521 38.76 -1.27 -15.13
C ASN B 521 37.61 -1.29 -14.09
N LYS B 522 37.96 -1.55 -12.82
CA LYS B 522 36.97 -1.79 -11.76
C LYS B 522 36.44 -0.58 -11.02
N PHE B 523 35.12 -0.56 -10.88
CA PHE B 523 34.42 0.43 -10.08
C PHE B 523 33.69 -0.29 -8.94
N TYR B 524 33.67 0.35 -7.77
CA TYR B 524 32.88 -0.14 -6.66
C TYR B 524 31.77 0.85 -6.31
N SER B 525 30.69 0.29 -5.76
CA SER B 525 29.52 1.04 -5.38
C SER B 525 29.58 1.42 -3.93
N VAL B 526 28.82 2.45 -3.61
CA VAL B 526 28.94 3.10 -2.32
C VAL B 526 27.57 3.54 -1.79
N VAL B 527 27.35 3.26 -0.50
CA VAL B 527 26.20 3.75 0.25
C VAL B 527 26.65 4.95 1.09
N LEU B 528 25.91 6.04 1.00
CA LEU B 528 26.14 7.21 1.83
C LEU B 528 24.99 7.34 2.81
N MET B 529 25.33 7.47 4.08
CA MET B 529 24.30 7.63 5.07
C MET B 529 24.42 8.97 5.78
N HIS B 530 23.29 9.56 6.14
CA HIS B 530 23.25 10.76 6.94
C HIS B 530 23.28 10.39 8.42
N LYS B 531 24.16 11.05 9.19
CA LYS B 531 24.15 11.06 10.66
C LYS B 531 24.74 12.38 11.22
N ARG B 532 24.64 12.56 12.53
CA ARG B 532 25.40 13.60 13.22
C ARG B 532 25.96 12.97 14.47
N GLY B 533 27.22 13.29 14.76
CA GLY B 533 27.88 12.83 15.98
C GLY B 533 28.19 11.35 15.94
N ASN B 534 28.29 10.78 17.14
CA ASN B 534 28.56 9.36 17.33
C ASN B 534 27.43 8.76 18.18
N PRO B 535 27.46 7.43 18.45
CA PRO B 535 26.36 6.81 19.24
C PRO B 535 26.16 7.43 20.61
N HIS B 536 27.24 7.95 21.21
CA HIS B 536 27.18 8.61 22.51
C HIS B 536 26.47 9.98 22.47
N THR B 537 26.67 10.72 21.37
CA THR B 537 26.15 12.09 21.26
C THR B 537 24.85 12.24 20.47
N MET B 538 24.63 11.40 19.47
CA MET B 538 23.58 11.60 18.44
C MET B 538 22.15 11.90 18.92
N ASP B 539 21.75 11.33 20.05
CA ASP B 539 20.36 11.45 20.57
C ASP B 539 19.99 12.88 20.90
N LYS B 540 20.98 13.73 21.13
CA LYS B 540 20.72 15.13 21.46
C LYS B 540 20.80 16.05 20.25
N LEU B 541 21.39 15.54 19.16
CA LEU B 541 21.71 16.28 17.95
C LEU B 541 20.57 16.28 16.94
N THR B 542 19.44 16.79 17.41
CA THR B 542 18.15 16.44 16.86
C THR B 542 17.41 17.61 16.24
N ASN B 543 18.04 18.78 16.27
CA ASN B 543 17.45 19.97 15.71
C ASN B 543 17.70 20.12 14.23
N TYR B 544 16.60 20.20 13.48
CA TYR B 544 16.66 20.35 12.04
C TYR B 544 15.74 21.48 11.68
N ASP B 545 16.18 22.28 10.72
CA ASP B 545 15.39 23.38 10.27
C ASP B 545 14.25 22.83 9.41
N ASN B 546 14.57 21.89 8.52
CA ASN B 546 13.59 21.14 7.74
C ASN B 546 14.07 19.68 7.58
N LEU B 547 13.78 18.85 8.58
CA LEU B 547 14.23 17.45 8.64
C LEU B 547 14.34 16.72 7.29
N VAL B 548 13.22 16.60 6.58
CA VAL B 548 13.18 15.79 5.38
C VAL B 548 14.16 16.32 4.34
N TYR B 549 14.06 17.62 4.09
CA TYR B 549 14.81 18.25 3.00
C TYR B 549 16.27 18.57 3.33
N ASP B 550 16.57 18.77 4.62
CA ASP B 550 17.96 18.93 5.05
C ASP B 550 18.78 17.68 4.79
N ILE B 551 18.17 16.52 5.10
CA ILE B 551 18.84 15.24 4.93
C ILE B 551 19.01 14.93 3.45
N LYS B 552 17.95 15.16 2.67
CA LYS B 552 17.97 14.99 1.24
C LYS B 552 19.03 15.86 0.59
N ASN B 553 19.04 17.16 0.92
CA ASN B 553 20.06 18.09 0.37
C ASN B 553 21.49 17.69 0.73
N TYR B 554 21.69 17.32 2.00
CA TYR B 554 22.95 16.77 2.46
C TYR B 554 23.40 15.59 1.61
N LEU B 555 22.52 14.60 1.41
CA LEU B 555 22.87 13.41 0.64
C LEU B 555 23.16 13.77 -0.80
N GLU B 556 22.30 14.61 -1.37
CA GLU B 556 22.53 15.15 -2.71
C GLU B 556 23.88 15.84 -2.87
N GLN B 557 24.30 16.65 -1.89
CA GLN B 557 25.62 17.30 -1.96
C GLN B 557 26.75 16.24 -1.94
N ARG B 558 26.62 15.20 -1.11
CA ARG B 558 27.65 14.15 -1.15
C ARG B 558 27.76 13.49 -2.52
N LEU B 559 26.59 13.16 -3.10
CA LEU B 559 26.54 12.62 -4.45
C LEU B 559 27.29 13.54 -5.40
N ASN B 560 26.93 14.83 -5.44
CA ASN B 560 27.63 15.80 -6.32
C ASN B 560 29.16 15.79 -6.17
N PHE B 561 29.64 15.68 -4.93
CA PHE B 561 31.07 15.55 -4.66
C PHE B 561 31.69 14.30 -5.26
N LEU B 562 31.05 13.16 -5.00
CA LEU B 562 31.54 11.90 -5.53
C LEU B 562 31.46 11.84 -7.06
N VAL B 563 30.38 12.40 -7.61
CA VAL B 563 30.20 12.48 -9.04
C VAL B 563 31.30 13.37 -9.65
N LEU B 564 31.54 14.53 -9.04
CA LEU B 564 32.64 15.41 -9.48
C LEU B 564 34.03 14.71 -9.55
N ASN B 565 34.24 13.71 -8.71
CA ASN B 565 35.51 13.00 -8.66
C ASN B 565 35.46 11.67 -9.43
N GLY B 566 34.46 11.55 -10.30
CA GLY B 566 34.34 10.44 -11.24
C GLY B 566 33.81 9.14 -10.67
N ILE B 567 33.16 9.21 -9.50
CA ILE B 567 32.35 8.06 -9.08
C ILE B 567 31.06 8.11 -9.93
N PRO B 568 30.78 7.02 -10.69
CA PRO B 568 29.61 6.96 -11.56
C PRO B 568 28.32 7.11 -10.75
N ARG B 569 27.46 8.04 -11.16
CA ARG B 569 26.18 8.32 -10.50
C ARG B 569 25.35 7.10 -10.14
N TYR B 570 25.26 6.15 -11.06
CA TYR B 570 24.43 4.97 -10.90
C TYR B 570 25.00 3.97 -9.87
N ARG B 571 26.12 4.33 -9.25
CA ARG B 571 26.75 3.47 -8.23
C ARG B 571 26.66 4.03 -6.84
N ILE B 572 25.91 5.11 -6.68
CA ILE B 572 25.83 5.81 -5.41
C ILE B 572 24.44 5.62 -4.83
N LEU B 573 24.38 5.18 -3.59
CA LEU B 573 23.09 4.89 -2.96
C LEU B 573 22.90 5.78 -1.76
N PHE B 574 21.64 6.12 -1.48
CA PHE B 574 21.29 7.03 -0.40
C PHE B 574 20.77 6.24 0.77
N ASP B 575 21.13 6.67 1.96
CA ASP B 575 20.62 6.10 3.20
C ASP B 575 20.34 7.25 4.15
N ILE B 576 19.11 7.35 4.59
CA ILE B 576 18.65 8.43 5.48
C ILE B 576 19.10 8.29 6.95
N GLY B 577 19.58 7.10 7.32
CA GLY B 577 20.09 6.82 8.66
C GLY B 577 19.07 6.91 9.77
N LEU B 578 18.03 6.09 9.66
CA LEU B 578 17.03 5.98 10.73
C LEU B 578 17.71 5.72 12.07
N GLY B 579 17.23 6.39 13.10
CA GLY B 579 17.83 6.25 14.43
C GLY B 579 19.11 7.01 14.73
N PHE B 580 19.81 7.53 13.70
CA PHE B 580 21.09 8.25 13.90
C PHE B 580 20.88 9.78 13.90
N ALA B 581 20.91 10.39 15.09
CA ALA B 581 20.55 11.81 15.28
C ALA B 581 19.11 12.12 14.83
N LYS B 582 18.21 11.19 15.15
CA LYS B 582 16.78 11.46 14.96
C LYS B 582 16.02 11.00 16.19
N LYS B 583 15.13 11.85 16.68
CA LYS B 583 14.11 11.39 17.62
C LYS B 583 13.18 10.36 16.92
N HIS B 584 12.44 9.57 17.72
CA HIS B 584 11.55 8.54 17.18
C HIS B 584 10.49 9.04 16.20
N ASP B 585 9.82 10.14 16.54
CA ASP B 585 8.89 10.81 15.59
C ASP B 585 9.58 11.30 14.29
N GLN B 586 10.88 11.57 14.37
CA GLN B 586 11.63 12.01 13.20
C GLN B 586 12.00 10.85 12.29
N SER B 587 12.33 9.70 12.89
CA SER B 587 12.52 8.48 12.11
C SER B 587 11.22 8.13 11.38
N ILE B 588 10.09 8.26 12.06
CA ILE B 588 8.77 8.07 11.43
C ILE B 588 8.49 9.07 10.31
N LYS B 589 8.75 10.36 10.57
CA LYS B 589 8.55 11.39 9.55
C LYS B 589 9.38 11.10 8.29
N LEU B 590 10.63 10.67 8.49
CA LEU B 590 11.50 10.26 7.39
C LEU B 590 10.88 9.13 6.54
N LEU B 591 10.32 8.11 7.20
CA LEU B 591 9.61 7.03 6.48
C LEU B 591 8.34 7.56 5.78
N GLN B 592 7.56 8.38 6.48
CA GLN B 592 6.38 9.00 5.90
C GLN B 592 6.72 9.74 4.60
N ASN B 593 7.88 10.37 4.56
CA ASN B 593 8.26 11.16 3.40
C ASN B 593 9.31 10.49 2.51
N ILE B 594 9.32 9.15 2.51
CA ILE B 594 10.31 8.37 1.74
C ILE B 594 10.20 8.58 0.21
N HIS B 595 9.07 9.10 -0.26
CA HIS B 595 8.80 9.30 -1.71
C HIS B 595 9.74 10.34 -2.26
N VAL B 596 10.26 11.14 -1.36
CA VAL B 596 11.22 12.16 -1.68
C VAL B 596 12.49 11.61 -2.37
N TYR B 597 12.69 10.28 -2.27
CA TYR B 597 13.82 9.55 -2.87
C TYR B 597 13.43 8.73 -4.11
N ASP B 598 12.32 9.10 -4.76
CA ASP B 598 11.77 8.34 -5.89
C ASP B 598 12.68 8.30 -7.10
N GLU B 599 13.63 9.23 -7.19
CA GLU B 599 14.58 9.34 -8.32
C GLU B 599 15.88 8.60 -8.05
N TYR B 600 16.07 8.12 -6.82
CA TYR B 600 17.37 7.72 -6.32
C TYR B 600 17.39 6.27 -5.83
N PRO B 601 18.56 5.58 -5.95
CA PRO B 601 18.68 4.28 -5.27
C PRO B 601 18.72 4.51 -3.77
N LEU B 602 17.87 3.79 -3.05
CA LEU B 602 17.59 4.00 -1.63
C LEU B 602 17.85 2.73 -0.80
N PHE B 603 18.64 2.90 0.26
CA PHE B 603 19.15 1.84 1.13
C PHE B 603 18.70 2.26 2.52
N ILE B 604 17.84 1.51 3.19
CA ILE B 604 17.44 1.91 4.54
C ILE B 604 17.73 0.82 5.57
N GLY B 605 17.77 1.21 6.85
CA GLY B 605 18.05 0.32 7.95
C GLY B 605 17.21 0.64 9.18
N TYR B 606 16.05 0.00 9.31
CA TYR B 606 15.16 0.21 10.45
C TYR B 606 15.32 -0.88 11.48
N SER B 607 16.00 -1.97 11.08
CA SER B 607 15.92 -3.25 11.76
C SER B 607 16.34 -3.16 13.21
N ARG B 608 15.38 -3.52 14.07
CA ARG B 608 15.51 -3.56 15.52
C ARG B 608 15.79 -2.23 16.21
N LYS B 609 15.61 -1.13 15.50
CA LYS B 609 15.91 0.19 16.08
C LYS B 609 14.81 0.62 17.07
N ARG B 610 15.16 1.51 17.98
CA ARG B 610 14.31 1.87 19.09
C ARG B 610 13.01 2.58 18.66
N PHE B 611 12.97 3.19 17.47
CA PHE B 611 11.75 3.87 17.04
C PHE B 611 10.60 2.90 16.73
N ILE B 612 10.93 1.64 16.43
CA ILE B 612 9.89 0.63 16.19
C ILE B 612 9.06 0.43 17.46
N ALA B 613 9.74 0.23 18.60
CA ALA B 613 9.08 0.05 19.91
C ALA B 613 8.20 1.23 20.28
N HIS B 614 8.59 2.40 19.81
CA HIS B 614 7.87 3.65 20.00
C HIS B 614 6.51 3.65 19.30
N CYS B 615 6.37 2.84 18.25
CA CYS B 615 5.09 2.73 17.52
C CYS B 615 4.06 1.89 18.26
N MET B 616 4.51 0.99 19.14
CA MET B 616 3.62 0.16 19.95
C MET B 616 3.06 0.92 21.14
N ASN B 617 1.78 0.73 21.39
CA ASN B 617 1.18 1.00 22.69
C ASN B 617 0.77 -0.32 23.34
N ASP B 618 1.17 -0.52 24.59
CA ASP B 618 0.83 -1.75 25.34
C ASP B 618 -0.66 -1.83 25.73
N GLN B 619 -1.24 -0.67 26.05
CA GLN B 619 -2.65 -0.46 26.48
C GLN B 619 -3.39 -1.65 27.10
N TRP B 647 9.16 -17.93 17.87
CA TRP B 647 10.06 -16.91 18.42
C TRP B 647 11.06 -16.41 17.40
N MET B 648 11.03 -15.10 17.17
CA MET B 648 11.80 -14.47 16.08
C MET B 648 13.18 -13.94 16.49
N PHE B 649 13.35 -13.63 17.77
CA PHE B 649 14.64 -13.24 18.31
C PHE B 649 15.37 -14.48 18.86
N GLN B 650 16.45 -14.89 18.20
CA GLN B 650 17.32 -15.98 18.68
C GLN B 650 18.19 -15.44 19.82
N MET B 651 18.01 -16.02 21.00
CA MET B 651 18.61 -15.48 22.24
C MET B 651 20.13 -15.67 22.33
N ASN B 652 20.84 -14.58 22.62
CA ASN B 652 22.28 -14.61 22.89
C ASN B 652 22.57 -14.88 24.37
N TYR B 653 21.84 -14.19 25.24
CA TYR B 653 21.72 -14.53 26.67
C TYR B 653 20.25 -14.49 27.10
N MET B 654 19.96 -15.07 28.27
CA MET B 654 18.60 -15.18 28.79
C MET B 654 18.06 -13.81 29.24
N ARG B 655 17.12 -13.28 28.45
CA ARG B 655 16.33 -12.11 28.83
C ARG B 655 14.98 -12.60 29.37
N LYS B 656 14.39 -11.81 30.28
CA LYS B 656 13.10 -12.13 30.91
C LYS B 656 11.95 -12.35 29.91
N ASP B 657 10.90 -13.06 30.36
CA ASP B 657 9.71 -13.33 29.53
C ASP B 657 9.08 -12.06 28.96
N LYS B 658 9.05 -11.00 29.77
CA LYS B 658 8.59 -9.66 29.39
C LYS B 658 9.46 -8.97 28.33
N ASP B 659 10.77 -9.25 28.35
CA ASP B 659 11.71 -8.71 27.34
C ASP B 659 11.68 -9.47 26.00
N GLN B 660 11.38 -10.77 26.06
CA GLN B 660 11.14 -11.60 24.87
C GLN B 660 9.92 -11.15 24.06
N LEU B 661 8.86 -10.72 24.76
CA LEU B 661 7.65 -10.21 24.12
C LEU B 661 7.99 -8.95 23.35
N LEU B 662 8.80 -8.10 23.99
CA LEU B 662 9.23 -6.84 23.40
C LEU B 662 10.09 -7.03 22.15
N TYR B 663 10.96 -8.04 22.15
CA TYR B 663 11.73 -8.43 20.95
C TYR B 663 10.89 -8.98 19.78
N GLN B 664 9.92 -9.87 20.09
CA GLN B 664 8.94 -10.33 19.11
C GLN B 664 8.28 -9.13 18.44
N LYS B 665 7.79 -8.22 19.27
CA LYS B 665 7.08 -7.02 18.84
C LYS B 665 7.94 -6.18 17.91
N ASN B 666 9.21 -6.00 18.28
CA ASN B 666 10.16 -5.23 17.50
C ASN B 666 10.45 -5.86 16.10
N ILE B 667 10.77 -7.16 16.07
CA ILE B 667 10.98 -7.86 14.80
C ILE B 667 9.71 -7.87 13.92
N CYS B 668 8.54 -7.99 14.56
CA CYS B 668 7.27 -7.90 13.85
C CYS B 668 6.98 -6.48 13.37
N GLY B 669 7.28 -5.52 14.22
CA GLY B 669 7.15 -4.10 13.88
C GLY B 669 8.02 -3.80 12.68
N GLY B 670 9.20 -4.41 12.67
CA GLY B 670 10.10 -4.32 11.53
C GLY B 670 9.51 -4.87 10.26
N LEU B 671 8.79 -6.00 10.37
CA LEU B 671 8.18 -6.66 9.20
C LEU B 671 7.10 -5.77 8.57
N ALA B 672 6.45 -4.97 9.42
CA ALA B 672 5.56 -3.93 8.94
C ALA B 672 6.32 -2.88 8.08
N ILE B 673 7.53 -2.50 8.52
CA ILE B 673 8.33 -1.55 7.75
C ILE B 673 8.84 -2.19 6.45
N ALA B 674 9.12 -3.49 6.46
CA ALA B 674 9.43 -4.20 5.22
C ALA B 674 8.28 -4.10 4.22
N SER B 675 7.04 -4.20 4.70
CA SER B 675 5.85 -4.12 3.86
C SER B 675 5.69 -2.74 3.25
N TYR B 676 5.85 -1.73 4.13
CA TYR B 676 5.80 -0.34 3.75
C TYR B 676 6.88 -0.06 2.72
N SER B 677 8.10 -0.54 2.97
CA SER B 677 9.26 -0.40 2.07
C SER B 677 9.01 -1.01 0.71
N TYR B 678 8.43 -2.21 0.72
CA TYR B 678 7.98 -2.89 -0.47
C TYR B 678 7.06 -1.99 -1.29
N TYR B 679 6.03 -1.43 -0.67
CA TYR B 679 5.04 -0.64 -1.43
C TYR B 679 5.60 0.69 -1.87
N LYS B 680 6.60 1.18 -1.14
CA LYS B 680 7.26 2.42 -1.47
C LYS B 680 8.43 2.21 -2.43
N LYS B 681 8.68 0.95 -2.74
CA LYS B 681 9.70 0.54 -3.73
C LYS B 681 11.14 0.90 -3.31
N VAL B 682 11.40 0.86 -2.00
CA VAL B 682 12.73 1.03 -1.47
C VAL B 682 13.60 -0.05 -2.09
N ASP B 683 14.75 0.33 -2.61
CA ASP B 683 15.63 -0.60 -3.30
C ASP B 683 16.38 -1.61 -2.43
N LEU B 684 16.81 -1.20 -1.24
CA LEU B 684 17.54 -2.11 -0.35
C LEU B 684 17.15 -1.84 1.07
N ILE B 685 16.83 -2.93 1.78
CA ILE B 685 16.54 -2.90 3.21
C ILE B 685 17.50 -3.79 3.96
N ARG B 686 18.00 -3.25 5.07
CA ARG B 686 19.08 -3.86 5.82
C ARG B 686 18.49 -4.48 7.08
N VAL B 687 18.54 -5.83 7.17
CA VAL B 687 17.81 -6.54 8.24
C VAL B 687 18.63 -7.60 9.01
N HIS B 688 18.30 -7.76 10.28
CA HIS B 688 18.81 -8.86 11.11
C HIS B 688 18.10 -10.18 10.82
N ASP B 689 16.83 -10.09 10.40
CA ASP B 689 15.91 -11.23 10.36
C ASP B 689 15.54 -11.53 8.90
N VAL B 690 16.47 -12.18 8.19
CA VAL B 690 16.36 -12.42 6.73
C VAL B 690 15.18 -13.32 6.33
N LEU B 691 15.07 -14.51 6.95
CA LEU B 691 13.97 -15.46 6.70
C LEU B 691 12.60 -14.81 6.84
N GLU B 692 12.41 -14.05 7.91
CA GLU B 692 11.14 -13.39 8.17
C GLU B 692 10.86 -12.34 7.11
N THR B 693 11.86 -11.49 6.82
CA THR B 693 11.75 -10.44 5.80
C THR B 693 11.44 -11.04 4.41
N LYS B 694 12.17 -12.08 4.03
CA LYS B 694 11.95 -12.79 2.75
C LYS B 694 10.55 -13.39 2.61
N SER B 695 10.07 -14.02 3.69
CA SER B 695 8.71 -14.55 3.75
C SER B 695 7.68 -13.45 3.43
N VAL B 696 7.79 -12.31 4.13
CA VAL B 696 6.96 -11.14 3.88
C VAL B 696 7.07 -10.67 2.43
N LEU B 697 8.28 -10.53 1.91
CA LEU B 697 8.44 -9.98 0.57
C LEU B 697 7.93 -10.93 -0.51
N ASP B 698 8.05 -12.23 -0.27
CA ASP B 698 7.54 -13.23 -1.20
C ASP B 698 6.04 -13.19 -1.36
N VAL B 699 5.32 -13.03 -0.25
CA VAL B 699 3.86 -13.00 -0.26
C VAL B 699 3.33 -11.72 -0.89
N LEU B 700 3.98 -10.58 -0.63
CA LEU B 700 3.57 -9.33 -1.24
C LEU B 700 3.87 -9.34 -2.72
N THR B 701 4.99 -9.90 -3.13
CA THR B 701 5.30 -10.04 -4.56
C THR B 701 4.25 -10.90 -5.31
N LYS B 702 3.81 -11.99 -4.69
CA LYS B 702 2.80 -12.89 -5.26
C LYS B 702 1.48 -12.18 -5.45
N ILE B 703 1.04 -11.46 -4.42
CA ILE B 703 -0.19 -10.73 -4.48
C ILE B 703 -0.15 -9.71 -5.63
N ASP B 704 1.00 -9.07 -5.86
CA ASP B 704 1.12 -8.15 -6.97
C ASP B 704 1.23 -8.78 -8.37
N GLN B 705 1.58 -10.07 -8.44
CA GLN B 705 1.86 -10.73 -9.71
C GLN B 705 0.55 -11.09 -10.43
N VAL B 706 0.14 -10.23 -11.36
CA VAL B 706 -1.10 -10.45 -12.13
C VAL B 706 -0.80 -10.80 -13.59
N LYS B 707 -1.50 -11.83 -14.08
CA LYS B 707 -1.37 -12.32 -15.46
C LYS B 707 -1.86 -11.28 -16.50
N ASP B 708 -3.15 -10.91 -16.40
CA ASP B 708 -3.81 -9.98 -17.32
C ASP B 708 -4.22 -8.67 -16.62
N PRO B 709 -3.52 -7.54 -16.94
CA PRO B 709 -3.68 -6.25 -16.24
C PRO B 709 -5.07 -5.57 -16.32
N ASN B 710 -5.91 -6.01 -17.24
CA ASN B 710 -7.27 -5.46 -17.37
C ASN B 710 -8.39 -6.46 -17.04
N SER B 711 -8.00 -7.71 -16.75
CA SER B 711 -8.95 -8.79 -16.37
C SER B 711 -9.89 -8.43 -15.21
N SER B 712 -9.43 -7.57 -14.31
CA SER B 712 -10.27 -6.93 -13.28
C SER B 712 -11.55 -6.30 -13.85
N SER B 713 -11.40 -5.39 -14.84
CA SER B 713 -12.56 -4.73 -15.48
C SER B 713 -13.32 -5.65 -16.45
N VAL B 714 -12.60 -6.57 -17.09
CA VAL B 714 -13.18 -7.58 -17.99
C VAL B 714 -14.12 -8.55 -17.23
N ASP B 715 -13.64 -9.13 -16.12
CA ASP B 715 -14.45 -10.00 -15.24
C ASP B 715 -15.65 -9.25 -14.64
N LYS B 716 -15.41 -8.00 -14.23
CA LYS B 716 -16.45 -7.13 -13.68
C LYS B 716 -17.57 -6.97 -14.70
N LEU B 717 -17.19 -6.69 -15.95
CA LEU B 717 -18.12 -6.51 -17.07
C LEU B 717 -18.93 -7.78 -17.36
N ALA B 718 -18.24 -8.92 -17.41
CA ALA B 718 -18.86 -10.24 -17.59
C ALA B 718 -19.92 -10.50 -16.52
N ALA B 719 -19.62 -10.14 -15.26
CA ALA B 719 -20.58 -10.25 -14.15
C ALA B 719 -21.80 -9.35 -14.34
N ALA B 720 -21.56 -8.13 -14.78
CA ALA B 720 -22.61 -7.18 -15.06
C ALA B 720 -23.56 -7.65 -16.18
N LEU B 721 -23.02 -8.35 -17.18
CA LEU B 721 -23.83 -8.89 -18.30
C LEU B 721 -24.56 -10.18 -17.94
N GLU B 722 -24.04 -10.91 -16.94
CA GLU B 722 -24.46 -12.26 -16.58
C GLU B 722 -25.87 -12.29 -15.97
MG MG C . -40.19 12.56 12.46
PG ATP D . -37.91 14.26 10.48
O1G ATP D . -37.35 15.47 11.21
O2G ATP D . -36.92 13.13 10.30
O3G ATP D . -38.68 14.60 9.23
PB ATP D . -40.49 14.39 11.68
O1B ATP D . -40.30 15.89 11.54
O2B ATP D . -41.46 13.68 10.77
O3B ATP D . -39.03 13.68 11.49
PA ATP D . -41.81 14.99 14.17
O1A ATP D . -41.16 16.35 14.34
O2A ATP D . -42.17 14.18 15.39
O3A ATP D . -40.86 14.06 13.23
O5' ATP D . -43.15 15.14 13.28
C5' ATP D . -43.54 16.40 12.75
C4' ATP D . -44.92 16.30 12.09
O4' ATP D . -44.84 15.65 10.82
C3' ATP D . -45.92 15.50 12.93
O3' ATP D . -47.02 16.36 13.25
C2' ATP D . -46.34 14.33 12.05
O2' ATP D . -47.72 13.99 12.18
C1' ATP D . -46.05 14.89 10.66
N9 ATP D . -45.94 13.90 9.57
C8 ATP D . -46.45 14.13 8.34
N7 ATP D . -46.23 13.09 7.50
C5 ATP D . -45.54 12.17 8.19
C6 ATP D . -44.97 10.84 7.91
N6 ATP D . -45.10 10.29 6.68
N1 ATP D . -44.32 10.20 8.91
C2 ATP D . -44.17 10.75 10.14
N3 ATP D . -44.66 11.96 10.48
C4 ATP D . -45.33 12.71 9.57
CA CA E . -43.79 -9.36 13.36
C ACT F . -20.16 -20.92 -6.14
O ACT F . -20.24 -21.20 -7.36
OXT ACT F . -19.89 -21.80 -5.26
CH3 ACT F . -20.43 -19.48 -5.78
P AMP G . 28.24 5.95 -35.98
O1P AMP G . 26.73 6.10 -35.96
O2P AMP G . 28.87 5.81 -34.61
O3P AMP G . 28.77 4.97 -37.01
O5' AMP G . 28.75 7.39 -36.52
C5' AMP G . 28.23 7.90 -37.74
C4' AMP G . 28.99 9.11 -38.23
O4' AMP G . 28.70 10.25 -37.42
C3' AMP G . 30.51 8.97 -38.21
O3' AMP G . 30.97 9.13 -39.56
C2' AMP G . 31.00 10.10 -37.34
O2' AMP G . 32.20 10.69 -37.83
C1' AMP G . 29.85 11.09 -37.45
N9 AMP G . 29.75 12.15 -36.41
C8 AMP G . 29.43 13.42 -36.70
N7 AMP G . 29.37 14.21 -35.59
C5 AMP G . 29.67 13.41 -34.56
C6 AMP G . 29.78 13.61 -33.10
N6 AMP G . 29.58 14.81 -32.59
N1 AMP G . 30.10 12.54 -32.35
C2 AMP G . 30.31 11.31 -32.89
N3 AMP G . 30.22 11.05 -34.21
C4 AMP G . 29.90 12.05 -35.08
MG MG H . 27.32 7.29 -32.96
C ACT I . 22.22 18.18 8.74
O ACT I . 21.81 19.27 9.22
OXT ACT I . 22.53 17.21 9.47
CH3 ACT I . 22.32 18.07 7.25
#